data_8UVI
#
_entry.id   8UVI
#
_cell.length_a   1.00
_cell.length_b   1.00
_cell.length_c   1.00
_cell.angle_alpha   90.00
_cell.angle_beta   90.00
_cell.angle_gamma   90.00
#
_symmetry.space_group_name_H-M   'P 1'
#
loop_
_entity.id
_entity.type
_entity.pdbx_description
1 polymer 'Na(+)/dicarboxylate cotransporter 3'
2 non-polymer 'SODIUM ION'
3 non-polymer 'SUCCINIC ACID'
4 non-polymer TETRADECANE
5 non-polymer CHOLESTEROL
#
_entity_poly.entity_id   1
_entity_poly.type   'polypeptide(L)'
_entity_poly.pdbx_seq_one_letter_code
;MAALAAAAKKVWSARRLLVLLFTPLALLPVVFALPPKEGRCLFVILLMAVYWCTEALPLSVTALLPIVLFPFMGILPSNK
VCPQYFLDTNFLFLSGLIMASAIEEWNLHRRIALKILMLVGVQPARLILGMMVTTSFLSMWLSNTASTAMMLPIANAILK
SLFGQKEVRKDPSQESEENTAAVRRNGLHTVPTEMQFLASTEAKDHPGETEVPLDLPADSRKEDEYRRNIWKGFLISIPY
SASIGGTATLTGTAPNLILLGQLKSFFPQCDVVNFGSWFIFAFPLMLLFLLAGWLWISFLYGGLSFRGWRKNKSEIRTNA
EDRARAVIREEYQNLGPIKFAEQAVFILFCMFAILLFTRDPKFIPGWASLFNPGFLSDAVTGVAIVTILFFFPSQRPSLK
WWFDFKAPNTETEPLLTWKKAQETVPWNIILLLGGGFAMAKGCEESGLSVWIGGQLHPLENVPPALAVLLITVVIAFFTE
FASNTATIIIFLPVLAELAIRLRVHPLYLMIPGTVGCSFAFMLPVSTPPNSIAFASGHLLVKDMVRTGLLMNLMGVLLLS
LAMNTWAQTIFQLGTFPDWADMYSVNVTALPPTLANDTFRTLSGAGA
;
_entity_poly.pdbx_strand_id   A,B
#
loop_
_chem_comp.id
_chem_comp.type
_chem_comp.name
_chem_comp.formula
C14 non-polymer TETRADECANE 'C14 H30'
CLR non-polymer CHOLESTEROL 'C27 H46 O'
NA non-polymer 'SODIUM ION' 'Na 1'
SIN non-polymer 'SUCCINIC ACID' 'C4 H6 O4'
#
# COMPACT_ATOMS: atom_id res chain seq x y z
N ALA A 6 39.21 -19.97 9.66
CA ALA A 6 39.13 -19.78 11.10
C ALA A 6 37.98 -18.84 11.47
N ALA A 7 38.24 -17.54 11.42
CA ALA A 7 37.23 -16.54 11.73
C ALA A 7 36.39 -16.15 10.53
N ALA A 8 36.66 -16.72 9.35
CA ALA A 8 35.86 -16.40 8.18
C ALA A 8 34.41 -16.82 8.36
N LYS A 9 34.18 -17.99 8.96
CA LYS A 9 32.82 -18.43 9.25
C LYS A 9 32.13 -17.50 10.23
N LYS A 10 32.87 -17.02 11.25
CA LYS A 10 32.29 -16.10 12.22
C LYS A 10 31.87 -14.79 11.57
N VAL A 11 32.73 -14.23 10.71
CA VAL A 11 32.38 -13.00 10.01
C VAL A 11 31.22 -13.21 9.06
N TRP A 12 31.24 -14.32 8.32
CA TRP A 12 30.18 -14.60 7.36
C TRP A 12 28.86 -14.93 8.05
N SER A 13 28.93 -15.32 9.33
CA SER A 13 27.70 -15.55 10.11
C SER A 13 26.96 -14.25 10.37
N ALA A 14 27.70 -13.16 10.61
CA ALA A 14 27.14 -11.86 10.94
C ALA A 14 27.13 -10.93 9.73
N ARG A 15 26.81 -11.48 8.55
CA ARG A 15 26.87 -10.71 7.31
C ARG A 15 25.91 -9.52 7.35
N ARG A 16 24.72 -9.71 7.93
CA ARG A 16 23.68 -8.69 7.84
C ARG A 16 24.07 -7.42 8.56
N LEU A 17 24.39 -7.53 9.85
CA LEU A 17 24.71 -6.36 10.65
C LEU A 17 26.02 -5.73 10.21
N LEU A 18 26.99 -6.55 9.79
CA LEU A 18 28.24 -5.99 9.31
C LEU A 18 28.03 -5.12 8.07
N VAL A 19 27.23 -5.61 7.11
CA VAL A 19 26.92 -4.81 5.94
C VAL A 19 26.14 -3.56 6.34
N LEU A 20 25.18 -3.71 7.24
CA LEU A 20 24.34 -2.58 7.64
C LEU A 20 25.15 -1.47 8.28
N LEU A 21 26.09 -1.82 9.15
CA LEU A 21 26.87 -0.80 9.84
C LEU A 21 28.03 -0.27 9.02
N PHE A 22 28.58 -1.07 8.10
CA PHE A 22 29.77 -0.64 7.35
C PHE A 22 29.47 -0.10 5.96
N THR A 23 28.21 -0.14 5.51
CA THR A 23 27.91 0.43 4.20
C THR A 23 27.84 1.95 4.24
N PRO A 24 27.13 2.57 5.21
CA PRO A 24 27.18 4.05 5.28
C PRO A 24 28.58 4.59 5.48
N LEU A 25 29.41 3.91 6.29
CA LEU A 25 30.79 4.34 6.47
C LEU A 25 31.57 4.26 5.16
N ALA A 26 31.36 3.19 4.40
CA ALA A 26 32.04 3.04 3.12
C ALA A 26 31.60 4.08 2.11
N LEU A 27 30.31 4.44 2.11
CA LEU A 27 29.76 5.40 1.16
C LEU A 27 29.86 6.84 1.66
N LEU A 28 30.38 7.06 2.86
CA LEU A 28 30.56 8.42 3.37
C LEU A 28 31.36 9.35 2.46
N PRO A 29 32.48 8.94 1.85
CA PRO A 29 33.21 9.87 0.98
C PRO A 29 32.42 10.35 -0.23
N VAL A 30 31.37 9.64 -0.62
CA VAL A 30 30.54 10.08 -1.74
C VAL A 30 29.92 11.45 -1.44
N VAL A 31 29.45 11.64 -0.20
CA VAL A 31 28.81 12.90 0.15
C VAL A 31 29.77 14.07 -0.04
N PHE A 32 31.04 13.88 0.35
CA PHE A 32 32.02 14.94 0.20
C PHE A 32 32.60 15.03 -1.21
N ALA A 33 32.40 14.01 -2.04
CA ALA A 33 33.01 14.02 -3.38
C ALA A 33 32.32 15.02 -4.30
N LEU A 34 30.99 15.06 -4.30
CA LEU A 34 30.24 15.91 -5.20
C LEU A 34 29.35 16.87 -4.40
N PRO A 35 28.69 17.84 -5.05
CA PRO A 35 27.93 18.86 -4.30
C PRO A 35 26.97 18.26 -3.28
N PRO A 36 26.57 19.05 -2.25
CA PRO A 36 25.90 18.47 -1.08
C PRO A 36 24.62 17.70 -1.36
N LYS A 37 23.63 18.34 -1.99
CA LYS A 37 22.37 17.64 -2.26
C LYS A 37 22.57 16.47 -3.20
N GLU A 38 23.36 16.66 -4.26
CA GLU A 38 23.68 15.56 -5.16
C GLU A 38 24.43 14.46 -4.42
N GLY A 39 25.36 14.83 -3.55
CA GLY A 39 26.11 13.83 -2.80
C GLY A 39 25.23 13.02 -1.87
N ARG A 40 24.33 13.69 -1.15
CA ARG A 40 23.44 12.98 -0.24
C ARG A 40 22.48 12.07 -1.01
N CYS A 41 21.96 12.55 -2.14
CA CYS A 41 21.09 11.70 -2.96
C CYS A 41 21.84 10.49 -3.48
N LEU A 42 23.07 10.68 -3.96
CA LEU A 42 23.87 9.55 -4.43
C LEU A 42 24.17 8.58 -3.30
N PHE A 43 24.43 9.10 -2.10
CA PHE A 43 24.64 8.23 -0.94
C PHE A 43 23.40 7.39 -0.66
N VAL A 44 22.21 8.00 -0.73
CA VAL A 44 20.98 7.25 -0.50
C VAL A 44 20.80 6.17 -1.56
N ILE A 45 21.04 6.51 -2.82
CA ILE A 45 20.85 5.55 -3.90
C ILE A 45 21.80 4.37 -3.75
N LEU A 46 23.08 4.66 -3.47
CA LEU A 46 24.07 3.59 -3.34
C LEU A 46 23.80 2.73 -2.10
N LEU A 47 23.41 3.36 -1.00
CA LEU A 47 23.06 2.60 0.20
C LEU A 47 21.89 1.68 -0.06
N MET A 48 20.86 2.19 -0.74
CA MET A 48 19.70 1.37 -1.07
C MET A 48 20.09 0.20 -1.97
N ALA A 49 20.93 0.46 -2.96
CA ALA A 49 21.35 -0.60 -3.88
C ALA A 49 22.15 -1.68 -3.15
N VAL A 50 23.08 -1.27 -2.28
CA VAL A 50 23.89 -2.24 -1.55
C VAL A 50 23.01 -3.07 -0.61
N TYR A 51 22.10 -2.41 0.11
CA TYR A 51 21.22 -3.14 1.01
C TYR A 51 20.31 -4.10 0.25
N TRP A 52 19.87 -3.71 -0.94
CA TRP A 52 19.07 -4.60 -1.76
C TRP A 52 19.86 -5.81 -2.23
N CYS A 53 21.10 -5.59 -2.70
CA CYS A 53 21.91 -6.68 -3.22
C CYS A 53 22.31 -7.66 -2.12
N THR A 54 22.71 -7.15 -0.96
CA THR A 54 23.23 -7.99 0.11
C THR A 54 22.14 -8.55 1.01
N GLU A 55 20.88 -8.15 0.83
CA GLU A 55 19.77 -8.57 1.68
C GLU A 55 20.03 -8.21 3.14
N ALA A 56 20.73 -7.10 3.37
CA ALA A 56 20.99 -6.65 4.73
C ALA A 56 19.69 -6.33 5.46
N LEU A 57 18.72 -5.79 4.75
CA LEU A 57 17.37 -5.54 5.22
C LEU A 57 16.38 -6.20 4.27
N PRO A 58 15.17 -6.51 4.73
CA PRO A 58 14.15 -6.99 3.79
C PRO A 58 13.89 -5.96 2.71
N LEU A 59 13.54 -6.46 1.51
CA LEU A 59 13.39 -5.58 0.36
C LEU A 59 12.40 -4.46 0.62
N SER A 60 11.31 -4.76 1.33
CA SER A 60 10.35 -3.71 1.68
C SER A 60 10.98 -2.68 2.62
N VAL A 61 11.73 -3.15 3.62
CA VAL A 61 12.33 -2.24 4.58
C VAL A 61 13.36 -1.34 3.91
N THR A 62 14.17 -1.90 3.00
CA THR A 62 15.08 -1.08 2.23
C THR A 62 14.32 -0.11 1.33
N ALA A 63 13.17 -0.54 0.79
CA ALA A 63 12.37 0.35 -0.04
C ALA A 63 11.81 1.53 0.74
N LEU A 64 11.66 1.40 2.06
CA LEU A 64 11.17 2.50 2.90
C LEU A 64 12.27 3.46 3.31
N LEU A 65 13.51 3.21 2.91
CA LEU A 65 14.61 4.10 3.27
C LEU A 65 14.42 5.54 2.82
N PRO A 66 13.92 5.85 1.61
CA PRO A 66 13.76 7.27 1.24
C PRO A 66 12.90 8.07 2.20
N ILE A 67 11.87 7.47 2.80
CA ILE A 67 11.02 8.19 3.73
C ILE A 67 11.83 8.74 4.90
N VAL A 68 12.86 8.01 5.32
CA VAL A 68 13.70 8.48 6.41
C VAL A 68 14.83 9.37 5.90
N LEU A 69 15.44 8.99 4.77
CA LEU A 69 16.67 9.64 4.33
C LEU A 69 16.45 10.95 3.60
N PHE A 70 15.50 11.01 2.67
CA PHE A 70 15.28 12.24 1.91
C PHE A 70 14.85 13.40 2.78
N PRO A 71 13.86 13.27 3.69
CA PRO A 71 13.52 14.42 4.54
C PRO A 71 14.62 14.83 5.48
N PHE A 72 15.32 13.85 6.09
CA PHE A 72 16.37 14.19 7.04
C PHE A 72 17.53 14.89 6.36
N MET A 73 17.85 14.50 5.13
CA MET A 73 18.95 15.09 4.37
C MET A 73 18.53 16.32 3.59
N GLY A 74 17.27 16.74 3.67
CA GLY A 74 16.82 17.93 2.99
C GLY A 74 16.63 17.78 1.50
N ILE A 75 16.49 16.55 1.00
CA ILE A 75 16.32 16.34 -0.43
C ILE A 75 14.87 16.54 -0.83
N LEU A 76 13.96 15.78 -0.20
CA LEU A 76 12.54 15.89 -0.47
C LEU A 76 11.77 16.00 0.83
N PRO A 77 10.70 16.78 0.87
CA PRO A 77 9.85 16.80 2.06
C PRO A 77 9.11 15.48 2.21
N SER A 78 8.68 15.22 3.45
CA SER A 78 7.94 13.99 3.72
C SER A 78 6.65 13.95 2.92
N ASN A 79 5.99 15.10 2.73
CA ASN A 79 4.74 15.15 2.00
C ASN A 79 4.92 14.98 0.49
N LYS A 80 6.17 14.87 0.06
CA LYS A 80 6.50 14.79 -1.39
C LYS A 80 7.17 13.44 -1.72
N VAL A 81 7.73 12.72 -0.75
CA VAL A 81 8.36 11.39 -0.93
C VAL A 81 7.31 10.29 -0.77
N CYS A 82 6.46 10.39 0.21
CA CYS A 82 5.49 9.32 0.57
C CYS A 82 4.49 9.04 -0.57
N PRO A 83 3.81 10.05 -1.17
CA PRO A 83 2.90 9.83 -2.29
C PRO A 83 3.56 9.13 -3.49
N GLN A 84 4.86 9.21 -3.66
CA GLN A 84 5.57 8.46 -4.71
C GLN A 84 5.38 6.96 -4.57
N TYR A 85 5.01 6.45 -3.42
CA TYR A 85 4.91 5.01 -3.17
C TYR A 85 3.60 4.43 -3.70
N PHE A 86 2.67 5.28 -4.06
CA PHE A 86 1.40 4.84 -4.67
C PHE A 86 1.10 5.65 -5.91
N LEU A 87 2.11 5.93 -6.71
CA LEU A 87 1.89 6.42 -8.09
C LEU A 87 1.01 5.37 -8.81
N ASP A 88 0.35 5.71 -9.91
CA ASP A 88 -0.63 4.87 -10.66
C ASP A 88 0.02 3.59 -11.21
N THR A 89 1.33 3.56 -11.49
CA THR A 89 2.05 2.34 -11.88
C THR A 89 1.80 1.25 -10.83
N ASN A 90 1.79 1.56 -9.55
CA ASN A 90 1.57 0.61 -8.43
C ASN A 90 0.15 0.05 -8.35
N PHE A 91 -0.86 0.81 -8.72
CA PHE A 91 -2.22 0.27 -8.84
C PHE A 91 -2.35 -0.74 -9.97
N LEU A 92 -1.74 -0.46 -11.12
CA LEU A 92 -1.80 -1.42 -12.22
C LEU A 92 -1.17 -2.74 -11.83
N PHE A 93 -0.01 -2.68 -11.17
CA PHE A 93 0.65 -3.91 -10.71
C PHE A 93 -0.17 -4.62 -9.65
N LEU A 94 -0.77 -3.87 -8.72
CA LEU A 94 -1.61 -4.47 -7.69
C LEU A 94 -2.83 -5.15 -8.30
N SER A 95 -3.46 -4.49 -9.28
CA SER A 95 -4.61 -5.07 -9.96
C SER A 95 -4.22 -6.34 -10.70
N GLY A 96 -3.07 -6.33 -11.37
CA GLY A 96 -2.60 -7.55 -12.00
C GLY A 96 -2.33 -8.66 -11.01
N LEU A 97 -1.78 -8.33 -9.84
CA LEU A 97 -1.55 -9.33 -8.81
C LEU A 97 -2.86 -9.92 -8.31
N ILE A 98 -3.88 -9.09 -8.12
CA ILE A 98 -5.17 -9.59 -7.66
C ILE A 98 -5.81 -10.47 -8.75
N MET A 99 -5.67 -10.06 -10.02
CA MET A 99 -6.19 -10.87 -11.11
C MET A 99 -5.51 -12.25 -11.15
N ALA A 100 -4.18 -12.27 -10.97
CA ALA A 100 -3.46 -13.54 -10.91
C ALA A 100 -3.91 -14.38 -9.71
N SER A 101 -4.16 -13.72 -8.57
CA SER A 101 -4.66 -14.42 -7.40
C SER A 101 -6.01 -15.07 -7.69
N ALA A 102 -6.90 -14.35 -8.37
CA ALA A 102 -8.18 -14.92 -8.75
C ALA A 102 -8.02 -16.09 -9.70
N ILE A 103 -7.06 -15.99 -10.62
CA ILE A 103 -6.82 -17.09 -11.56
C ILE A 103 -6.34 -18.34 -10.82
N GLU A 104 -5.41 -18.16 -9.87
CA GLU A 104 -4.96 -19.28 -9.04
C GLU A 104 -6.10 -19.87 -8.21
N GLU A 105 -6.93 -19.02 -7.61
CA GLU A 105 -7.87 -19.48 -6.59
C GLU A 105 -8.95 -20.41 -7.14
N TRP A 106 -9.25 -20.34 -8.44
CA TRP A 106 -10.28 -21.18 -9.05
C TRP A 106 -9.69 -22.31 -9.88
N ASN A 107 -8.42 -22.62 -9.68
CA ASN A 107 -7.75 -23.76 -10.34
C ASN A 107 -7.77 -23.64 -11.86
N LEU A 108 -7.78 -22.42 -12.38
CA LEU A 108 -7.63 -22.23 -13.82
C LEU A 108 -6.20 -22.46 -14.27
N HIS A 109 -5.24 -22.18 -13.39
CA HIS A 109 -3.83 -22.41 -13.73
C HIS A 109 -3.57 -23.89 -13.98
N ARG A 110 -4.21 -24.77 -13.21
CA ARG A 110 -4.04 -26.20 -13.43
C ARG A 110 -4.58 -26.62 -14.79
N ARG A 111 -5.74 -26.08 -15.18
CA ARG A 111 -6.31 -26.40 -16.48
C ARG A 111 -5.39 -25.93 -17.61
N ILE A 112 -4.87 -24.71 -17.49
CA ILE A 112 -3.97 -24.19 -18.52
C ILE A 112 -2.69 -25.03 -18.58
N ALA A 113 -2.15 -25.40 -17.42
CA ALA A 113 -0.94 -26.19 -17.38
C ALA A 113 -1.15 -27.56 -18.03
N LEU A 114 -2.26 -28.22 -17.71
CA LEU A 114 -2.54 -29.52 -18.33
C LEU A 114 -2.72 -29.39 -19.83
N LYS A 115 -3.38 -28.32 -20.28
CA LYS A 115 -3.49 -28.08 -21.72
C LYS A 115 -2.11 -27.90 -22.35
N ILE A 116 -1.22 -27.19 -21.67
CA ILE A 116 0.13 -26.97 -22.20
C ILE A 116 0.89 -28.29 -22.31
N LEU A 117 0.79 -29.14 -21.28
CA LEU A 117 1.46 -30.44 -21.35
C LEU A 117 0.91 -31.30 -22.49
N MET A 118 -0.41 -31.32 -22.66
CA MET A 118 -0.99 -32.12 -23.74
C MET A 118 -0.56 -31.58 -25.10
N LEU A 119 -0.50 -30.25 -25.25
CA LEU A 119 -0.08 -29.67 -26.52
C LEU A 119 1.41 -29.94 -26.79
N VAL A 120 2.24 -29.85 -25.75
CA VAL A 120 3.69 -29.87 -25.92
C VAL A 120 4.24 -31.28 -25.73
N GLY A 121 4.04 -31.84 -24.55
CA GLY A 121 4.55 -33.14 -24.21
C GLY A 121 5.45 -33.12 -22.99
N VAL A 122 5.86 -34.31 -22.58
CA VAL A 122 6.69 -34.48 -21.37
C VAL A 122 8.14 -34.40 -21.84
N GLN A 123 8.62 -33.16 -21.99
CA GLN A 123 10.00 -32.86 -22.34
C GLN A 123 10.39 -31.53 -21.71
N PRO A 124 11.31 -31.53 -20.75
CA PRO A 124 11.63 -30.27 -20.04
C PRO A 124 12.08 -29.14 -20.95
N ALA A 125 12.85 -29.45 -22.00
CA ALA A 125 13.27 -28.41 -22.93
C ALA A 125 12.09 -27.86 -23.72
N ARG A 126 11.22 -28.74 -24.22
CA ARG A 126 10.02 -28.30 -24.92
C ARG A 126 9.12 -27.45 -24.04
N LEU A 127 8.91 -27.88 -22.80
CA LEU A 127 8.06 -27.12 -21.88
C LEU A 127 8.68 -25.77 -21.54
N ILE A 128 10.00 -25.74 -21.31
CA ILE A 128 10.67 -24.47 -21.02
C ILE A 128 10.48 -23.50 -22.17
N LEU A 129 10.77 -23.96 -23.39
CA LEU A 129 10.65 -23.08 -24.56
C LEU A 129 9.20 -22.66 -24.79
N GLY A 130 8.25 -23.59 -24.60
CA GLY A 130 6.86 -23.25 -24.77
C GLY A 130 6.40 -22.15 -23.83
N MET A 131 6.83 -22.22 -22.58
CA MET A 131 6.46 -21.15 -21.65
C MET A 131 7.25 -19.88 -21.93
N MET A 132 8.47 -20.00 -22.46
CA MET A 132 9.20 -18.81 -22.88
C MET A 132 8.38 -18.00 -23.87
N VAL A 133 7.92 -18.64 -24.94
CA VAL A 133 7.16 -17.92 -25.96
C VAL A 133 5.79 -17.52 -25.43
N THR A 134 5.16 -18.38 -24.61
CA THR A 134 3.84 -18.05 -24.08
C THR A 134 3.89 -16.85 -23.14
N THR A 135 4.91 -16.80 -22.26
CA THR A 135 5.02 -15.68 -21.33
C THR A 135 5.45 -14.41 -22.05
N SER A 136 6.29 -14.53 -23.07
CA SER A 136 6.62 -13.35 -23.88
C SER A 136 5.38 -12.81 -24.57
N PHE A 137 4.54 -13.71 -25.11
CA PHE A 137 3.29 -13.29 -25.73
C PHE A 137 2.37 -12.64 -24.70
N LEU A 138 2.30 -13.22 -23.51
CA LEU A 138 1.49 -12.63 -22.44
C LEU A 138 2.04 -11.26 -22.02
N SER A 139 3.35 -11.06 -22.16
CA SER A 139 3.98 -9.82 -21.74
C SER A 139 3.95 -8.74 -22.80
N MET A 140 3.66 -9.08 -24.07
CA MET A 140 3.53 -8.03 -25.07
C MET A 140 2.33 -7.13 -24.82
N TRP A 141 1.35 -7.60 -24.06
CA TRP A 141 0.14 -6.82 -23.80
C TRP A 141 -0.08 -6.51 -22.32
N LEU A 142 0.38 -7.36 -21.42
CA LEU A 142 0.30 -7.13 -19.99
C LEU A 142 1.69 -6.80 -19.44
N SER A 143 1.70 -6.24 -18.23
CA SER A 143 2.95 -5.89 -17.59
C SER A 143 3.74 -7.16 -17.23
N ASN A 144 5.05 -6.99 -17.10
CA ASN A 144 5.91 -8.13 -16.77
C ASN A 144 5.55 -8.72 -15.42
N THR A 145 5.32 -7.87 -14.42
CA THR A 145 4.96 -8.36 -13.10
C THR A 145 3.66 -9.15 -13.14
N ALA A 146 2.66 -8.63 -13.85
CA ALA A 146 1.39 -9.34 -13.95
C ALA A 146 1.58 -10.72 -14.58
N SER A 147 2.19 -10.76 -15.77
CA SER A 147 2.35 -12.01 -16.50
C SER A 147 3.15 -13.03 -15.70
N THR A 148 4.19 -12.56 -15.00
CA THR A 148 4.94 -13.45 -14.13
C THR A 148 4.06 -14.00 -13.01
N ALA A 149 3.19 -13.14 -12.44
CA ALA A 149 2.34 -13.57 -11.34
C ALA A 149 1.29 -14.58 -11.81
N MET A 150 0.94 -14.57 -13.10
CA MET A 150 0.02 -15.58 -13.61
C MET A 150 0.72 -16.81 -14.15
N MET A 151 2.03 -16.74 -14.45
CA MET A 151 2.73 -17.86 -15.06
C MET A 151 3.50 -18.73 -14.08
N LEU A 152 3.93 -18.19 -12.93
CA LEU A 152 4.42 -19.06 -11.88
C LEU A 152 3.37 -20.07 -11.39
N PRO A 153 2.10 -19.72 -11.19
CA PRO A 153 1.13 -20.77 -10.83
C PRO A 153 1.07 -21.90 -11.86
N ILE A 154 1.06 -21.56 -13.14
CA ILE A 154 1.02 -22.57 -14.19
C ILE A 154 2.29 -23.41 -14.17
N ALA A 155 3.44 -22.77 -14.00
CA ALA A 155 4.71 -23.50 -13.97
C ALA A 155 4.77 -24.45 -12.79
N ASN A 156 4.34 -24.00 -11.61
CA ASN A 156 4.37 -24.87 -10.44
C ASN A 156 3.42 -26.05 -10.61
N ALA A 157 2.26 -25.82 -11.22
CA ALA A 157 1.37 -26.92 -11.54
C ALA A 157 2.03 -27.90 -12.49
N ILE A 158 2.76 -27.39 -13.49
CA ILE A 158 3.45 -28.26 -14.43
C ILE A 158 4.46 -29.13 -13.69
N LEU A 159 5.27 -28.52 -12.82
CA LEU A 159 6.28 -29.27 -12.08
C LEU A 159 5.65 -30.36 -11.22
N LYS A 160 4.59 -30.01 -10.49
CA LYS A 160 3.90 -31.00 -9.69
C LYS A 160 3.19 -32.04 -10.54
N SER A 161 3.02 -31.76 -11.85
CA SER A 161 2.40 -32.71 -12.75
C SER A 161 3.39 -33.77 -13.23
N LEU A 162 4.46 -33.36 -13.93
CA LEU A 162 5.30 -34.37 -14.56
C LEU A 162 6.19 -35.07 -13.54
N PHE A 163 6.59 -34.36 -12.48
CA PHE A 163 7.44 -34.93 -11.45
C PHE A 163 6.67 -35.50 -10.28
N GLY A 164 5.34 -35.47 -10.32
CA GLY A 164 4.52 -35.99 -9.24
C GLY A 164 4.43 -35.05 -8.05
N ASP A 224 18.79 -37.81 -8.79
CA ASP A 224 17.90 -36.88 -8.09
C ASP A 224 18.18 -35.44 -8.50
N GLU A 225 19.47 -35.09 -8.60
CA GLU A 225 19.85 -33.71 -8.83
C GLU A 225 19.23 -33.14 -10.11
N TYR A 226 18.93 -34.01 -11.08
CA TYR A 226 18.36 -33.54 -12.33
C TYR A 226 16.98 -32.92 -12.12
N ARG A 227 16.15 -33.55 -11.25
CA ARG A 227 14.84 -33.00 -10.92
C ARG A 227 14.95 -31.58 -10.39
N ARG A 228 15.81 -31.38 -9.40
CA ARG A 228 15.90 -30.11 -8.68
C ARG A 228 16.63 -29.05 -9.50
N ASN A 229 17.59 -29.44 -10.34
CA ASN A 229 18.13 -28.52 -11.33
C ASN A 229 17.07 -28.09 -12.33
N ILE A 230 16.22 -29.02 -12.76
CA ILE A 230 15.09 -28.67 -13.61
C ILE A 230 14.15 -27.73 -12.89
N TRP A 231 13.92 -27.97 -11.60
CA TRP A 231 13.14 -27.05 -10.77
C TRP A 231 13.70 -25.64 -10.86
N LYS A 232 15.00 -25.49 -10.62
CA LYS A 232 15.63 -24.17 -10.67
C LYS A 232 15.47 -23.52 -12.04
N GLY A 233 15.82 -24.25 -13.10
CA GLY A 233 15.74 -23.68 -14.44
C GLY A 233 14.32 -23.40 -14.88
N PHE A 234 13.41 -24.32 -14.60
CA PHE A 234 12.03 -24.23 -15.00
C PHE A 234 11.35 -23.02 -14.36
N LEU A 235 11.78 -22.65 -13.14
CA LEU A 235 11.27 -21.47 -12.46
C LEU A 235 12.02 -20.19 -12.80
N ILE A 236 13.28 -20.27 -13.23
CA ILE A 236 14.00 -19.07 -13.63
C ILE A 236 13.53 -18.59 -15.01
N SER A 237 13.01 -19.49 -15.84
CA SER A 237 12.65 -19.11 -17.20
C SER A 237 11.49 -18.12 -17.26
N ILE A 238 10.63 -18.07 -16.25
CA ILE A 238 9.41 -17.26 -16.34
C ILE A 238 9.69 -15.77 -16.15
N PRO A 239 10.26 -15.31 -15.02
CA PRO A 239 10.49 -13.86 -14.90
C PRO A 239 11.40 -13.31 -15.98
N TYR A 240 12.40 -14.07 -16.38
CA TYR A 240 13.30 -13.63 -17.44
C TYR A 240 12.54 -13.45 -18.74
N SER A 241 11.69 -14.41 -19.11
CA SER A 241 10.97 -14.33 -20.37
C SER A 241 9.93 -13.21 -20.33
N ALA A 242 9.38 -12.93 -19.14
CA ALA A 242 8.47 -11.80 -19.02
C ALA A 242 9.18 -10.47 -19.24
N SER A 243 10.38 -10.33 -18.66
CA SER A 243 11.17 -9.12 -18.89
C SER A 243 11.56 -9.01 -20.36
N ILE A 244 11.86 -10.13 -21.00
CA ILE A 244 12.13 -10.12 -22.44
C ILE A 244 10.90 -9.66 -23.21
N GLY A 245 9.74 -10.18 -22.85
CA GLY A 245 8.52 -9.90 -23.59
C GLY A 245 8.01 -8.48 -23.44
N GLY A 246 8.34 -7.81 -22.34
CA GLY A 246 7.86 -6.46 -22.13
C GLY A 246 8.42 -5.43 -23.10
N THR A 247 9.54 -5.74 -23.76
CA THR A 247 10.27 -4.71 -24.51
C THR A 247 9.72 -4.50 -25.92
N ALA A 248 9.14 -5.53 -26.54
CA ALA A 248 8.84 -5.45 -27.96
C ALA A 248 7.69 -4.49 -28.26
N THR A 249 6.73 -4.39 -27.35
CA THR A 249 5.55 -3.56 -27.59
C THR A 249 5.53 -2.39 -26.62
N LEU A 250 5.00 -1.25 -27.11
CA LEU A 250 4.90 -0.07 -26.26
C LEU A 250 3.98 -0.32 -25.07
N THR A 251 2.89 -1.04 -25.28
CA THR A 251 2.00 -1.43 -24.20
C THR A 251 2.56 -2.57 -23.36
N GLY A 252 3.68 -3.16 -23.77
CA GLY A 252 4.21 -4.31 -23.04
C GLY A 252 4.64 -3.98 -21.63
N THR A 253 5.32 -2.84 -21.45
CA THR A 253 5.81 -2.47 -20.12
C THR A 253 5.82 -0.96 -19.99
N ALA A 254 5.82 -0.51 -18.74
CA ALA A 254 5.77 0.93 -18.46
C ALA A 254 6.94 1.73 -19.05
N PRO A 255 8.19 1.27 -19.01
CA PRO A 255 9.28 2.10 -19.56
C PRO A 255 9.09 2.49 -21.01
N ASN A 256 8.42 1.67 -21.83
CA ASN A 256 8.16 2.07 -23.21
C ASN A 256 7.24 3.28 -23.28
N LEU A 257 6.17 3.29 -22.47
CA LEU A 257 5.30 4.45 -22.41
C LEU A 257 6.02 5.66 -21.81
N ILE A 258 6.91 5.43 -20.85
CA ILE A 258 7.72 6.52 -20.31
C ILE A 258 8.59 7.12 -21.40
N LEU A 259 9.20 6.26 -22.23
CA LEU A 259 9.99 6.74 -23.36
C LEU A 259 9.14 7.58 -24.30
N LEU A 260 7.93 7.10 -24.64
CA LEU A 260 7.09 7.84 -25.57
C LEU A 260 6.67 9.19 -24.99
N GLY A 261 6.28 9.21 -23.71
CA GLY A 261 5.88 10.47 -23.09
C GLY A 261 7.03 11.45 -22.97
N GLN A 262 8.22 10.96 -22.58
CA GLN A 262 9.39 11.83 -22.47
C GLN A 262 9.82 12.34 -23.83
N LEU A 263 9.67 11.51 -24.87
CA LEU A 263 9.95 11.99 -26.23
C LEU A 263 8.97 13.06 -26.66
N LYS A 264 7.70 12.90 -26.31
CA LYS A 264 6.71 13.93 -26.64
C LYS A 264 7.01 15.23 -25.93
N SER A 265 7.39 15.15 -24.65
CA SER A 265 7.69 16.37 -23.89
C SER A 265 8.97 17.03 -24.38
N PHE A 266 10.04 16.25 -24.54
CA PHE A 266 11.33 16.81 -24.93
C PHE A 266 11.35 17.20 -26.40
N PHE A 267 10.81 16.33 -27.27
CA PHE A 267 10.93 16.50 -28.72
C PHE A 267 9.55 16.39 -29.36
N PRO A 268 8.77 17.46 -29.33
CA PRO A 268 7.49 17.45 -30.08
C PRO A 268 7.69 17.24 -31.58
N GLN A 269 8.81 17.70 -32.13
CA GLN A 269 9.09 17.51 -33.55
C GLN A 269 9.23 16.03 -33.90
N CYS A 270 9.90 15.27 -33.04
CA CYS A 270 10.16 13.86 -33.31
C CYS A 270 8.89 13.05 -33.06
N ASP A 271 8.35 12.45 -34.12
CA ASP A 271 7.15 11.62 -34.01
C ASP A 271 7.27 10.33 -34.82
N VAL A 272 8.48 9.92 -35.19
CA VAL A 272 8.65 8.72 -35.99
C VAL A 272 8.35 7.46 -35.19
N VAL A 273 8.41 7.54 -33.86
CA VAL A 273 8.18 6.38 -33.00
C VAL A 273 6.69 6.21 -32.77
N ASN A 274 6.16 5.06 -33.18
CA ASN A 274 4.77 4.71 -32.93
C ASN A 274 4.73 3.23 -32.55
N PHE A 275 3.53 2.67 -32.44
CA PHE A 275 3.40 1.26 -32.11
C PHE A 275 3.98 0.38 -33.22
N GLY A 276 3.67 0.70 -34.48
CA GLY A 276 4.14 -0.13 -35.58
C GLY A 276 5.66 -0.13 -35.71
N SER A 277 6.27 1.06 -35.67
CA SER A 277 7.72 1.16 -35.82
C SER A 277 8.43 0.48 -34.65
N TRP A 278 7.97 0.73 -33.42
CA TRP A 278 8.58 0.10 -32.27
C TRP A 278 8.44 -1.42 -32.32
N PHE A 279 7.27 -1.91 -32.75
CA PHE A 279 7.07 -3.34 -32.83
C PHE A 279 7.98 -3.98 -33.87
N ILE A 280 8.03 -3.41 -35.08
CA ILE A 280 8.87 -4.00 -36.12
C ILE A 280 10.34 -3.91 -35.74
N PHE A 281 10.73 -2.89 -34.97
CA PHE A 281 12.10 -2.81 -34.48
C PHE A 281 12.41 -3.87 -33.43
N ALA A 282 11.53 -4.04 -32.44
CA ALA A 282 11.89 -4.77 -31.24
C ALA A 282 11.42 -6.22 -31.23
N PHE A 283 10.49 -6.61 -32.10
CA PHE A 283 10.14 -8.02 -32.20
C PHE A 283 11.31 -8.90 -32.62
N PRO A 284 12.13 -8.54 -33.61
CA PRO A 284 13.36 -9.33 -33.84
C PRO A 284 14.24 -9.43 -32.61
N LEU A 285 14.32 -8.37 -31.82
CA LEU A 285 15.06 -8.43 -30.56
C LEU A 285 14.43 -9.45 -29.62
N MET A 286 13.10 -9.46 -29.52
CA MET A 286 12.42 -10.50 -28.75
C MET A 286 12.83 -11.89 -29.20
N LEU A 287 12.72 -12.16 -30.50
CA LEU A 287 13.00 -13.51 -31.00
C LEU A 287 14.44 -13.90 -30.72
N LEU A 288 15.39 -13.03 -31.08
CA LEU A 288 16.79 -13.37 -30.92
C LEU A 288 17.15 -13.59 -29.45
N PHE A 289 16.77 -12.66 -28.58
CA PHE A 289 17.20 -12.76 -27.20
C PHE A 289 16.42 -13.83 -26.45
N LEU A 290 15.18 -14.11 -26.88
CA LEU A 290 14.45 -15.24 -26.30
C LEU A 290 15.08 -16.57 -26.65
N LEU A 291 15.49 -16.77 -27.91
CA LEU A 291 16.20 -17.99 -28.26
C LEU A 291 17.53 -18.09 -27.51
N ALA A 292 18.26 -16.99 -27.40
CA ALA A 292 19.51 -17.00 -26.66
C ALA A 292 19.28 -17.37 -25.19
N GLY A 293 18.26 -16.78 -24.58
CA GLY A 293 17.96 -17.09 -23.19
C GLY A 293 17.50 -18.53 -23.01
N TRP A 294 16.69 -19.03 -23.93
CA TRP A 294 16.23 -20.41 -23.83
C TRP A 294 17.39 -21.39 -23.95
N LEU A 295 18.31 -21.14 -24.88
CA LEU A 295 19.48 -22.00 -25.00
C LEU A 295 20.33 -21.95 -23.73
N TRP A 296 20.52 -20.76 -23.17
CA TRP A 296 21.31 -20.64 -21.94
C TRP A 296 20.65 -21.37 -20.77
N ILE A 297 19.34 -21.23 -20.61
CA ILE A 297 18.64 -21.92 -19.54
C ILE A 297 18.69 -23.43 -19.75
N SER A 298 18.49 -23.88 -20.99
CA SER A 298 18.52 -25.31 -21.27
C SER A 298 19.90 -25.91 -21.01
N PHE A 299 20.96 -25.21 -21.42
CA PHE A 299 22.30 -25.73 -21.20
C PHE A 299 22.65 -25.74 -19.72
N LEU A 300 22.31 -24.66 -18.99
CA LEU A 300 22.57 -24.64 -17.56
C LEU A 300 21.73 -25.66 -16.81
N TYR A 301 20.47 -25.81 -17.18
CA TYR A 301 19.53 -26.70 -16.50
C TYR A 301 18.95 -27.68 -17.49
N GLY A 302 19.30 -28.96 -17.34
CA GLY A 302 18.81 -30.01 -18.21
C GLY A 302 19.64 -30.28 -19.44
N GLY A 303 20.72 -29.54 -19.66
CA GLY A 303 21.59 -29.78 -20.80
C GLY A 303 20.94 -29.42 -22.13
N ASN A 319 8.22 -47.56 -22.83
CA ASN A 319 6.97 -46.83 -23.01
C ASN A 319 6.72 -45.86 -21.86
N ALA A 320 7.81 -45.26 -21.36
CA ALA A 320 7.67 -44.29 -20.27
C ALA A 320 6.93 -43.05 -20.72
N GLU A 321 7.18 -42.58 -21.95
CA GLU A 321 6.49 -41.41 -22.46
C GLU A 321 4.99 -41.65 -22.58
N ASP A 322 4.60 -42.84 -23.08
CA ASP A 322 3.18 -43.16 -23.20
C ASP A 322 2.51 -43.20 -21.84
N ARG A 323 3.16 -43.80 -20.84
CA ARG A 323 2.60 -43.84 -19.49
C ARG A 323 2.47 -42.44 -18.91
N ALA A 324 3.49 -41.59 -19.11
CA ALA A 324 3.41 -40.23 -18.60
C ALA A 324 2.28 -39.46 -19.24
N ARG A 325 2.11 -39.60 -20.56
CA ARG A 325 1.00 -38.94 -21.24
C ARG A 325 -0.34 -39.47 -20.76
N ALA A 326 -0.40 -40.77 -20.46
CA ALA A 326 -1.64 -41.35 -19.91
C ALA A 326 -1.96 -40.73 -18.55
N VAL A 327 -0.94 -40.54 -17.70
CA VAL A 327 -1.17 -39.90 -16.41
C VAL A 327 -1.61 -38.45 -16.60
N ILE A 328 -1.03 -37.76 -17.59
CA ILE A 328 -1.42 -36.37 -17.86
C ILE A 328 -2.87 -36.30 -18.28
N ARG A 329 -3.29 -37.19 -19.18
CA ARG A 329 -4.68 -37.22 -19.62
C ARG A 329 -5.62 -37.59 -18.47
N GLU A 330 -5.19 -38.52 -17.62
CA GLU A 330 -5.99 -38.87 -16.45
C GLU A 330 -6.16 -37.69 -15.51
N GLU A 331 -5.09 -36.92 -15.31
CA GLU A 331 -5.18 -35.72 -14.48
C GLU A 331 -6.12 -34.69 -15.09
N TYR A 332 -6.06 -34.52 -16.41
CA TYR A 332 -6.96 -33.59 -17.07
C TYR A 332 -8.41 -34.02 -16.90
N GLN A 333 -8.68 -35.33 -17.02
CA GLN A 333 -10.03 -35.81 -16.79
C GLN A 333 -10.44 -35.64 -15.33
N ASN A 334 -9.48 -35.80 -14.40
CA ASN A 334 -9.76 -35.58 -12.99
C ASN A 334 -10.11 -34.12 -12.72
N LEU A 335 -9.59 -33.20 -13.54
CA LEU A 335 -9.99 -31.80 -13.41
C LEU A 335 -11.49 -31.62 -13.65
N GLY A 336 -12.04 -32.36 -14.60
CA GLY A 336 -13.46 -32.33 -14.86
C GLY A 336 -13.88 -31.18 -15.76
N PRO A 337 -15.17 -31.02 -15.97
CA PRO A 337 -15.67 -29.92 -16.80
C PRO A 337 -15.36 -28.57 -16.17
N ILE A 338 -15.19 -27.56 -17.03
CA ILE A 338 -14.87 -26.23 -16.57
C ILE A 338 -16.07 -25.64 -15.82
N LYS A 339 -15.80 -25.05 -14.66
CA LYS A 339 -16.85 -24.48 -13.84
C LYS A 339 -17.21 -23.07 -14.32
N PHE A 340 -18.34 -22.57 -13.82
CA PHE A 340 -18.76 -21.22 -14.17
C PHE A 340 -17.77 -20.18 -13.67
N ALA A 341 -17.21 -20.39 -12.47
CA ALA A 341 -16.25 -19.44 -11.92
C ALA A 341 -15.00 -19.36 -12.80
N GLU A 342 -14.53 -20.50 -13.30
CA GLU A 342 -13.34 -20.50 -14.15
C GLU A 342 -13.60 -19.71 -15.43
N GLN A 343 -14.76 -19.93 -16.05
CA GLN A 343 -15.09 -19.18 -17.27
C GLN A 343 -15.22 -17.69 -16.99
N ALA A 344 -15.84 -17.33 -15.86
CA ALA A 344 -15.98 -15.92 -15.52
C ALA A 344 -14.62 -15.27 -15.30
N VAL A 345 -13.72 -15.96 -14.59
CA VAL A 345 -12.40 -15.43 -14.34
C VAL A 345 -11.62 -15.27 -15.65
N PHE A 346 -11.72 -16.27 -16.53
CA PHE A 346 -11.00 -16.19 -17.80
C PHE A 346 -11.55 -15.07 -18.68
N ILE A 347 -12.87 -14.88 -18.68
CA ILE A 347 -13.46 -13.80 -19.47
C ILE A 347 -13.05 -12.44 -18.91
N LEU A 348 -13.00 -12.32 -17.58
CA LEU A 348 -12.53 -11.09 -16.97
C LEU A 348 -11.07 -10.83 -17.32
N PHE A 349 -10.26 -11.89 -17.38
CA PHE A 349 -8.89 -11.78 -17.86
C PHE A 349 -8.83 -11.26 -19.29
N CYS A 350 -9.65 -11.82 -20.17
CA CYS A 350 -9.64 -11.39 -21.57
C CYS A 350 -10.06 -9.93 -21.70
N MET A 351 -11.11 -9.53 -20.96
CA MET A 351 -11.53 -8.13 -20.97
C MET A 351 -10.44 -7.22 -20.43
N PHE A 352 -9.75 -7.66 -19.38
CA PHE A 352 -8.66 -6.86 -18.81
C PHE A 352 -7.58 -6.61 -19.85
N ALA A 353 -7.13 -7.67 -20.53
CA ALA A 353 -6.06 -7.53 -21.53
C ALA A 353 -6.53 -6.68 -22.71
N ILE A 354 -7.75 -6.91 -23.19
CA ILE A 354 -8.24 -6.17 -24.36
C ILE A 354 -8.39 -4.70 -24.02
N LEU A 355 -8.95 -4.38 -22.85
CA LEU A 355 -9.10 -2.98 -22.45
C LEU A 355 -7.75 -2.31 -22.21
N LEU A 356 -6.77 -3.06 -21.69
CA LEU A 356 -5.43 -2.50 -21.55
C LEU A 356 -4.83 -2.15 -22.90
N PHE A 357 -4.98 -3.05 -23.89
CA PHE A 357 -4.38 -2.80 -25.19
C PHE A 357 -5.10 -1.69 -25.94
N THR A 358 -6.43 -1.67 -25.88
CA THR A 358 -7.23 -0.75 -26.67
C THR A 358 -7.50 0.57 -25.95
N ARG A 359 -6.92 0.78 -24.76
CA ARG A 359 -7.14 2.03 -24.05
C ARG A 359 -6.62 3.22 -24.86
N ASP A 360 -5.40 3.11 -25.38
CA ASP A 360 -4.84 4.20 -26.16
C ASP A 360 -3.73 3.70 -27.08
N PRO A 361 -4.06 2.99 -28.16
CA PRO A 361 -3.04 2.67 -29.16
C PRO A 361 -2.57 3.93 -29.87
N LYS A 362 -1.31 3.90 -30.32
CA LYS A 362 -0.73 5.08 -30.94
C LYS A 362 -0.89 5.11 -32.45
N PHE A 363 -1.46 4.07 -33.05
CA PHE A 363 -1.80 4.08 -34.47
C PHE A 363 -3.28 4.34 -34.71
N ILE A 364 -4.15 3.82 -33.85
CA ILE A 364 -5.58 4.10 -33.88
C ILE A 364 -5.97 4.58 -32.50
N PRO A 365 -6.78 5.64 -32.37
CA PRO A 365 -7.15 6.11 -31.02
C PRO A 365 -8.03 5.09 -30.30
N GLY A 366 -7.88 5.05 -28.98
CA GLY A 366 -8.64 4.14 -28.14
C GLY A 366 -9.83 4.82 -27.49
N TRP A 367 -10.42 4.10 -26.53
CA TRP A 367 -11.58 4.64 -25.83
C TRP A 367 -11.22 5.70 -24.80
N ALA A 368 -9.93 5.91 -24.53
CA ALA A 368 -9.53 7.00 -23.65
C ALA A 368 -9.76 8.37 -24.29
N SER A 369 -9.93 8.42 -25.62
CA SER A 369 -10.23 9.67 -26.30
C SER A 369 -11.65 10.15 -26.04
N LEU A 370 -12.53 9.26 -25.56
CA LEU A 370 -13.90 9.64 -25.23
C LEU A 370 -13.98 10.48 -23.96
N PHE A 371 -12.88 10.61 -23.22
CA PHE A 371 -12.88 11.34 -21.95
C PHE A 371 -11.79 12.41 -21.99
N ASN A 372 -11.54 13.03 -20.84
CA ASN A 372 -10.55 14.09 -20.76
C ASN A 372 -9.15 13.54 -21.07
N PRO A 373 -8.31 14.32 -21.75
CA PRO A 373 -6.98 13.82 -22.11
C PRO A 373 -6.06 13.78 -20.90
N GLY A 374 -5.40 12.63 -20.71
CA GLY A 374 -4.50 12.44 -19.59
C GLY A 374 -5.17 12.04 -18.30
N PHE A 375 -6.50 11.98 -18.26
CA PHE A 375 -7.19 11.60 -17.04
C PHE A 375 -7.19 10.09 -16.83
N LEU A 376 -7.24 9.31 -17.91
CA LEU A 376 -7.32 7.86 -17.83
C LEU A 376 -5.95 7.23 -18.00
N SER A 377 -5.76 6.08 -17.36
CA SER A 377 -4.52 5.33 -17.46
C SER A 377 -4.84 3.85 -17.31
N ASP A 378 -3.80 3.02 -17.33
CA ASP A 378 -3.99 1.58 -17.15
C ASP A 378 -4.40 1.23 -15.72
N ALA A 379 -4.08 2.08 -14.75
CA ALA A 379 -4.49 1.83 -13.37
C ALA A 379 -6.00 1.83 -13.24
N VAL A 380 -6.67 2.78 -13.90
CA VAL A 380 -8.13 2.86 -13.83
C VAL A 380 -8.75 1.60 -14.40
N THR A 381 -8.24 1.14 -15.56
CA THR A 381 -8.75 -0.09 -16.17
C THR A 381 -8.53 -1.27 -15.25
N GLY A 382 -7.34 -1.39 -14.66
CA GLY A 382 -7.06 -2.51 -13.79
C GLY A 382 -7.96 -2.54 -12.57
N VAL A 383 -8.11 -1.38 -11.92
CA VAL A 383 -8.96 -1.32 -10.72
C VAL A 383 -10.41 -1.61 -11.07
N ALA A 384 -10.89 -1.08 -12.20
CA ALA A 384 -12.26 -1.34 -12.61
C ALA A 384 -12.50 -2.82 -12.88
N ILE A 385 -11.55 -3.49 -13.54
CA ILE A 385 -11.69 -4.91 -13.81
C ILE A 385 -11.66 -5.71 -12.51
N VAL A 386 -10.73 -5.37 -11.62
CA VAL A 386 -10.59 -6.11 -10.37
C VAL A 386 -11.82 -5.94 -9.48
N THR A 387 -12.44 -4.74 -9.51
CA THR A 387 -13.63 -4.52 -8.71
C THR A 387 -14.73 -5.50 -9.04
N ILE A 388 -14.82 -5.93 -10.30
CA ILE A 388 -15.85 -6.89 -10.70
C ILE A 388 -15.64 -8.24 -10.01
N LEU A 389 -14.39 -8.63 -9.78
CA LEU A 389 -14.10 -9.92 -9.15
C LEU A 389 -14.65 -10.02 -7.74
N PHE A 390 -14.85 -8.90 -7.06
CA PHE A 390 -15.24 -8.90 -5.65
C PHE A 390 -16.74 -8.93 -5.43
N PHE A 391 -17.55 -8.82 -6.49
CA PHE A 391 -18.99 -8.96 -6.36
C PHE A 391 -19.62 -9.89 -7.39
N PHE A 392 -18.88 -10.32 -8.41
CA PHE A 392 -19.45 -11.23 -9.40
C PHE A 392 -19.67 -12.60 -8.78
N PRO A 393 -20.84 -13.20 -8.93
CA PRO A 393 -21.09 -14.52 -8.33
C PRO A 393 -20.23 -15.60 -8.95
N SER A 394 -19.87 -16.58 -8.13
CA SER A 394 -19.05 -17.71 -8.59
C SER A 394 -19.88 -18.88 -9.09
N GLN A 395 -21.20 -18.82 -8.97
CA GLN A 395 -22.09 -19.86 -9.44
C GLN A 395 -23.06 -19.29 -10.46
N ARG A 396 -23.67 -20.16 -11.25
CA ARG A 396 -24.56 -19.72 -12.30
C ARG A 396 -25.83 -19.13 -11.71
N PRO A 397 -26.19 -17.88 -12.01
CA PRO A 397 -27.42 -17.30 -11.47
C PRO A 397 -28.62 -17.67 -12.34
N SER A 398 -29.63 -18.26 -11.71
CA SER A 398 -30.83 -18.71 -12.41
C SER A 398 -32.02 -17.91 -11.93
N LEU A 399 -32.83 -17.43 -12.88
CA LEU A 399 -34.03 -16.68 -12.54
C LEU A 399 -35.06 -17.53 -11.81
N LYS A 400 -34.96 -18.86 -11.91
CA LYS A 400 -35.91 -19.74 -11.22
C LYS A 400 -35.76 -19.68 -9.71
N TRP A 401 -34.64 -19.17 -9.20
CA TRP A 401 -34.43 -19.08 -7.76
C TRP A 401 -35.45 -18.14 -7.11
N TRP A 402 -35.74 -17.03 -7.78
CA TRP A 402 -36.72 -16.08 -7.24
C TRP A 402 -38.10 -16.73 -7.10
N PHE A 403 -38.51 -17.50 -8.11
CA PHE A 403 -39.83 -18.13 -8.08
C PHE A 403 -39.85 -19.34 -7.16
N ASP A 404 -38.75 -20.09 -7.07
CA ASP A 404 -38.68 -21.29 -6.24
C ASP A 404 -38.56 -20.87 -4.78
N PHE A 405 -39.70 -20.87 -4.08
CA PHE A 405 -39.71 -20.51 -2.66
C PHE A 405 -39.08 -21.61 -1.80
N LYS A 406 -38.97 -22.83 -2.31
CA LYS A 406 -38.38 -23.93 -1.55
C LYS A 406 -36.86 -23.92 -1.58
N ALA A 407 -36.25 -23.14 -2.47
CA ALA A 407 -34.79 -23.11 -2.54
C ALA A 407 -34.22 -22.48 -1.27
N PRO A 408 -33.08 -22.99 -0.78
CA PRO A 408 -32.46 -22.39 0.41
C PRO A 408 -32.02 -20.96 0.14
N ASN A 409 -32.14 -20.13 1.17
CA ASN A 409 -31.78 -18.71 1.07
C ASN A 409 -30.40 -18.51 1.70
N THR A 410 -29.37 -18.80 0.91
CA THR A 410 -27.98 -18.63 1.33
C THR A 410 -27.28 -17.67 0.39
N GLU A 411 -26.38 -16.86 0.96
CA GLU A 411 -25.65 -15.89 0.16
C GLU A 411 -24.67 -16.58 -0.78
N THR A 412 -24.60 -16.09 -2.02
CA THR A 412 -23.72 -16.65 -3.02
C THR A 412 -22.27 -16.25 -2.75
N GLU A 413 -21.35 -17.12 -3.15
CA GLU A 413 -19.93 -16.87 -2.99
C GLU A 413 -19.41 -16.03 -4.13
N PRO A 414 -18.76 -14.89 -3.87
CA PRO A 414 -18.22 -14.08 -4.96
C PRO A 414 -17.02 -14.78 -5.61
N LEU A 415 -16.58 -14.22 -6.73
CA LEU A 415 -15.43 -14.77 -7.44
C LEU A 415 -14.18 -14.71 -6.57
N LEU A 416 -13.98 -13.60 -5.87
CA LEU A 416 -12.82 -13.42 -5.01
C LEU A 416 -13.22 -12.61 -3.79
N THR A 417 -12.98 -13.15 -2.60
CA THR A 417 -13.16 -12.42 -1.37
C THR A 417 -11.90 -11.62 -1.06
N TRP A 418 -12.07 -10.51 -0.32
CA TRP A 418 -10.93 -9.67 0.00
C TRP A 418 -9.95 -10.39 0.92
N LYS A 419 -10.43 -11.30 1.76
CA LYS A 419 -9.54 -12.02 2.67
C LYS A 419 -8.51 -12.82 1.90
N LYS A 420 -8.96 -13.61 0.93
CA LYS A 420 -8.04 -14.42 0.13
C LYS A 420 -7.08 -13.55 -0.65
N ALA A 421 -7.58 -12.45 -1.24
CA ALA A 421 -6.71 -11.56 -1.98
C ALA A 421 -5.62 -10.98 -1.08
N GLN A 422 -6.00 -10.47 0.09
CA GLN A 422 -5.03 -9.91 1.02
C GLN A 422 -4.02 -10.96 1.46
N GLU A 423 -4.44 -12.22 1.57
CA GLU A 423 -3.50 -13.28 1.89
C GLU A 423 -2.51 -13.53 0.74
N THR A 424 -2.97 -13.40 -0.50
CA THR A 424 -2.17 -13.80 -1.65
C THR A 424 -1.57 -12.64 -2.43
N VAL A 425 -1.80 -11.40 -2.04
CA VAL A 425 -1.17 -10.26 -2.71
C VAL A 425 0.20 -9.98 -2.09
N PRO A 426 1.26 -9.95 -2.89
CA PRO A 426 2.59 -9.61 -2.36
C PRO A 426 2.78 -8.12 -2.16
N TRP A 427 2.35 -7.60 -1.01
CA TRP A 427 2.49 -6.17 -0.72
C TRP A 427 3.94 -5.73 -0.66
N ASN A 428 4.87 -6.66 -0.44
CA ASN A 428 6.29 -6.33 -0.46
C ASN A 428 6.70 -5.79 -1.82
N ILE A 429 6.16 -6.37 -2.89
CA ILE A 429 6.46 -5.89 -4.24
C ILE A 429 5.94 -4.48 -4.43
N ILE A 430 4.75 -4.18 -3.90
CA ILE A 430 4.19 -2.84 -4.01
C ILE A 430 5.09 -1.83 -3.30
N LEU A 431 5.54 -2.17 -2.10
CA LEU A 431 6.45 -1.28 -1.37
C LEU A 431 7.79 -1.13 -2.11
N LEU A 432 8.27 -2.21 -2.74
CA LEU A 432 9.53 -2.14 -3.47
C LEU A 432 9.42 -1.20 -4.66
N LEU A 433 8.33 -1.30 -5.42
CA LEU A 433 8.12 -0.40 -6.55
C LEU A 433 7.97 1.03 -6.08
N GLY A 434 7.31 1.24 -4.93
CA GLY A 434 7.21 2.57 -4.38
C GLY A 434 8.56 3.15 -3.98
N GLY A 435 9.42 2.31 -3.39
CA GLY A 435 10.76 2.76 -3.10
C GLY A 435 11.52 3.17 -4.34
N GLY A 436 11.33 2.41 -5.43
CA GLY A 436 11.94 2.80 -6.69
C GLY A 436 11.46 4.15 -7.19
N PHE A 437 10.13 4.37 -7.14
CA PHE A 437 9.59 5.66 -7.58
C PHE A 437 10.11 6.79 -6.71
N ALA A 438 10.17 6.58 -5.40
CA ALA A 438 10.63 7.63 -4.48
C ALA A 438 12.09 7.97 -4.71
N MET A 439 12.95 6.95 -4.86
CA MET A 439 14.35 7.21 -5.11
C MET A 439 14.55 7.89 -6.46
N ALA A 440 13.69 7.57 -7.45
CA ALA A 440 13.76 8.28 -8.72
C ALA A 440 13.47 9.76 -8.54
N LYS A 441 12.34 10.09 -7.90
CA LYS A 441 11.99 11.50 -7.74
C LYS A 441 13.04 12.25 -6.93
N GLY A 442 13.62 11.59 -5.92
CA GLY A 442 14.75 12.17 -5.24
C GLY A 442 15.91 12.43 -6.17
N CYS A 443 16.12 11.54 -7.15
CA CYS A 443 17.23 11.71 -8.08
C CYS A 443 17.08 12.96 -8.93
N GLU A 444 15.90 13.16 -9.55
CA GLU A 444 15.76 14.38 -10.35
C GLU A 444 15.65 15.63 -9.49
N GLU A 445 14.95 15.55 -8.35
CA GLU A 445 14.73 16.76 -7.57
C GLU A 445 16.01 17.30 -6.95
N SER A 446 16.91 16.43 -6.52
CA SER A 446 18.17 16.87 -5.92
C SER A 446 19.17 17.38 -6.96
N GLY A 447 18.88 17.23 -8.24
CA GLY A 447 19.83 17.62 -9.27
C GLY A 447 20.88 16.58 -9.59
N LEU A 448 20.75 15.37 -9.05
CA LEU A 448 21.73 14.32 -9.33
C LEU A 448 21.72 13.93 -10.80
N SER A 449 20.53 13.88 -11.41
CA SER A 449 20.45 13.53 -12.83
C SER A 449 21.14 14.58 -13.70
N VAL A 450 20.93 15.86 -13.38
CA VAL A 450 21.59 16.93 -14.13
C VAL A 450 23.10 16.86 -13.93
N TRP A 451 23.54 16.54 -12.71
CA TRP A 451 24.97 16.41 -12.44
C TRP A 451 25.56 15.25 -13.25
N ILE A 452 24.85 14.12 -13.31
CA ILE A 452 25.32 12.98 -14.08
C ILE A 452 25.41 13.34 -15.55
N GLY A 453 24.41 14.03 -16.07
CA GLY A 453 24.47 14.48 -17.46
C GLY A 453 25.63 15.41 -17.73
N GLY A 454 25.90 16.32 -16.80
CA GLY A 454 27.03 17.22 -16.96
C GLY A 454 28.37 16.50 -16.91
N GLN A 455 28.47 15.46 -16.07
CA GLN A 455 29.71 14.72 -15.95
C GLN A 455 30.03 13.92 -17.20
N LEU A 456 29.02 13.54 -17.99
CA LEU A 456 29.24 12.78 -19.22
C LEU A 456 29.67 13.66 -20.38
N HIS A 457 30.00 14.92 -20.12
CA HIS A 457 30.43 15.82 -21.19
C HIS A 457 31.70 15.36 -21.90
N PRO A 458 32.78 14.95 -21.21
CA PRO A 458 34.00 14.56 -21.94
C PRO A 458 33.85 13.29 -22.78
N LEU A 459 32.68 12.66 -22.79
CA LEU A 459 32.44 11.51 -23.66
C LEU A 459 31.98 11.97 -25.03
N GLU A 460 32.83 12.78 -25.68
CA GLU A 460 32.56 13.33 -27.00
C GLU A 460 33.61 12.93 -28.03
N ASN A 461 34.89 12.88 -27.65
CA ASN A 461 35.92 12.37 -28.55
C ASN A 461 35.75 10.89 -28.82
N VAL A 462 35.13 10.17 -27.90
CA VAL A 462 34.87 8.73 -28.08
C VAL A 462 33.88 8.54 -29.22
N PRO A 463 34.07 7.56 -30.11
CA PRO A 463 33.11 7.32 -31.19
C PRO A 463 31.73 7.01 -30.65
N PRO A 464 30.67 7.50 -31.32
CA PRO A 464 29.31 7.32 -30.78
C PRO A 464 28.89 5.86 -30.64
N ALA A 465 29.41 4.96 -31.47
CA ALA A 465 28.96 3.58 -31.46
C ALA A 465 29.27 2.91 -30.11
N LEU A 466 30.55 2.78 -29.77
CA LEU A 466 30.90 2.15 -28.51
C LEU A 466 30.53 3.04 -27.32
N ALA A 467 30.32 4.33 -27.55
CA ALA A 467 29.79 5.19 -26.49
C ALA A 467 28.37 4.75 -26.13
N VAL A 468 27.52 4.51 -27.13
CA VAL A 468 26.18 3.99 -26.84
C VAL A 468 26.28 2.59 -26.28
N LEU A 469 27.31 1.83 -26.68
CA LEU A 469 27.53 0.50 -26.12
C LEU A 469 27.76 0.58 -24.61
N LEU A 470 28.69 1.43 -24.19
CA LEU A 470 28.96 1.55 -22.75
C LEU A 470 27.79 2.18 -22.01
N ILE A 471 27.04 3.07 -22.67
CA ILE A 471 25.85 3.65 -22.04
C ILE A 471 24.83 2.56 -21.75
N THR A 472 24.57 1.69 -22.72
CA THR A 472 23.59 0.64 -22.47
C THR A 472 24.14 -0.43 -21.52
N VAL A 473 25.46 -0.60 -21.45
CA VAL A 473 26.05 -1.49 -20.45
C VAL A 473 25.77 -0.97 -19.04
N VAL A 474 26.05 0.31 -18.80
CA VAL A 474 25.85 0.85 -17.46
C VAL A 474 24.37 0.91 -17.11
N ILE A 475 23.51 1.17 -18.11
CA ILE A 475 22.07 1.18 -17.84
C ILE A 475 21.57 -0.22 -17.53
N ALA A 476 22.04 -1.23 -18.27
CA ALA A 476 21.61 -2.60 -18.02
C ALA A 476 22.16 -3.14 -16.71
N PHE A 477 23.30 -2.60 -16.25
CA PHE A 477 23.88 -3.03 -14.99
C PHE A 477 23.43 -2.17 -13.81
N PHE A 478 22.73 -1.07 -14.04
CA PHE A 478 22.13 -0.30 -12.96
C PHE A 478 20.66 -0.62 -12.75
N THR A 479 19.96 -1.07 -13.79
CA THR A 479 18.58 -1.49 -13.62
C THR A 479 18.46 -2.74 -12.76
N GLU A 480 19.58 -3.35 -12.38
CA GLU A 480 19.55 -4.55 -11.56
C GLU A 480 19.25 -4.26 -10.11
N PHE A 481 19.39 -3.01 -9.68
CA PHE A 481 19.15 -2.63 -8.28
C PHE A 481 17.73 -2.11 -8.09
N ALA A 482 17.36 -1.07 -8.82
CA ALA A 482 16.02 -0.51 -8.75
C ALA A 482 15.13 -1.17 -9.81
N SER A 483 13.87 -0.76 -9.85
CA SER A 483 12.95 -1.28 -10.84
C SER A 483 13.26 -0.68 -12.22
N ASN A 484 12.68 -1.30 -13.25
CA ASN A 484 12.87 -0.78 -14.61
C ASN A 484 12.28 0.61 -14.74
N THR A 485 11.10 0.84 -14.16
CA THR A 485 10.48 2.16 -14.23
C THR A 485 11.33 3.21 -13.55
N ALA A 486 11.86 2.90 -12.37
CA ALA A 486 12.67 3.88 -11.63
C ALA A 486 13.91 4.25 -12.42
N THR A 487 14.62 3.25 -12.94
CA THR A 487 15.86 3.53 -13.66
C THR A 487 15.60 4.25 -14.98
N ILE A 488 14.51 3.92 -15.67
CA ILE A 488 14.24 4.60 -16.93
C ILE A 488 13.85 6.06 -16.68
N ILE A 489 13.08 6.33 -15.63
CA ILE A 489 12.77 7.71 -15.28
C ILE A 489 14.04 8.46 -14.90
N ILE A 490 14.92 7.82 -14.15
CA ILE A 490 16.15 8.47 -13.70
C ILE A 490 17.04 8.82 -14.91
N PHE A 491 17.20 7.88 -15.84
CA PHE A 491 18.23 8.01 -16.87
C PHE A 491 17.77 8.64 -18.16
N LEU A 492 16.46 8.60 -18.47
CA LEU A 492 16.02 9.06 -19.79
C LEU A 492 16.24 10.55 -20.01
N PRO A 493 15.89 11.45 -19.08
CA PRO A 493 16.24 12.87 -19.29
C PRO A 493 17.74 13.12 -19.39
N VAL A 494 18.54 12.33 -18.67
CA VAL A 494 20.00 12.44 -18.78
C VAL A 494 20.44 12.16 -20.21
N LEU A 495 19.90 11.09 -20.80
CA LEU A 495 20.21 10.76 -22.19
C LEU A 495 19.67 11.81 -23.14
N ALA A 496 18.52 12.41 -22.82
CA ALA A 496 17.96 13.46 -23.66
C ALA A 496 18.89 14.66 -23.74
N GLU A 497 19.43 15.08 -22.59
CA GLU A 497 20.40 16.16 -22.60
C GLU A 497 21.71 15.74 -23.28
N LEU A 498 22.15 14.52 -23.02
CA LEU A 498 23.44 14.07 -23.55
C LEU A 498 23.42 13.98 -25.07
N ALA A 499 22.32 13.49 -25.64
CA ALA A 499 22.24 13.33 -27.09
C ALA A 499 22.31 14.67 -27.81
N ILE A 500 21.61 15.68 -27.31
CA ILE A 500 21.70 17.01 -27.89
C ILE A 500 23.08 17.61 -27.67
N ARG A 501 23.67 17.39 -26.49
CA ARG A 501 24.98 17.95 -26.21
C ARG A 501 26.06 17.35 -27.11
N LEU A 502 25.89 16.11 -27.54
CA LEU A 502 26.86 15.44 -28.39
C LEU A 502 26.41 15.36 -29.85
N ARG A 503 25.51 16.26 -30.27
CA ARG A 503 25.03 16.38 -31.66
C ARG A 503 24.87 15.03 -32.37
N VAL A 504 24.25 14.08 -31.65
CA VAL A 504 23.88 12.79 -32.20
C VAL A 504 22.36 12.69 -32.19
N HIS A 505 21.85 11.69 -32.90
CA HIS A 505 20.41 11.49 -32.97
C HIS A 505 19.88 11.08 -31.59
N PRO A 506 18.87 11.77 -31.06
CA PRO A 506 18.36 11.42 -29.73
C PRO A 506 17.90 9.98 -29.61
N LEU A 507 17.18 9.46 -30.61
CA LEU A 507 16.65 8.10 -30.51
C LEU A 507 17.76 7.08 -30.41
N TYR A 508 18.91 7.36 -31.01
CA TYR A 508 20.07 6.49 -30.91
C TYR A 508 20.53 6.30 -29.47
N LEU A 509 20.15 7.21 -28.58
CA LEU A 509 20.34 7.05 -27.14
C LEU A 509 19.05 6.83 -26.38
N MET A 510 17.90 7.27 -26.92
CA MET A 510 16.63 7.03 -26.25
C MET A 510 16.32 5.54 -26.14
N ILE A 511 16.48 4.82 -27.24
CA ILE A 511 15.99 3.44 -27.32
C ILE A 511 16.88 2.47 -26.54
N PRO A 512 18.22 2.53 -26.66
CA PRO A 512 19.05 1.58 -25.88
C PRO A 512 18.77 1.62 -24.39
N GLY A 513 18.59 2.81 -23.80
CA GLY A 513 18.30 2.88 -22.38
C GLY A 513 16.96 2.27 -22.02
N THR A 514 15.94 2.57 -22.82
CA THR A 514 14.61 2.04 -22.53
C THR A 514 14.58 0.52 -22.63
N VAL A 515 15.22 -0.04 -23.65
CA VAL A 515 15.21 -1.50 -23.80
C VAL A 515 16.09 -2.15 -22.74
N GLY A 516 17.26 -1.56 -22.47
CA GLY A 516 18.19 -2.16 -21.54
C GLY A 516 17.78 -2.05 -20.09
N CYS A 517 16.89 -1.12 -19.76
CA CYS A 517 16.40 -1.05 -18.38
C CYS A 517 15.54 -2.25 -18.03
N SER A 518 14.90 -2.87 -19.04
CA SER A 518 14.13 -4.09 -18.81
C SER A 518 15.01 -5.32 -18.64
N PHE A 519 16.32 -5.20 -18.87
CA PHE A 519 17.26 -6.30 -18.67
C PHE A 519 17.61 -6.38 -17.17
N ALA A 520 16.63 -6.87 -16.40
CA ALA A 520 16.76 -7.05 -14.97
C ALA A 520 16.87 -8.54 -14.68
N PHE A 521 18.09 -9.02 -14.41
CA PHE A 521 18.34 -10.45 -14.30
C PHE A 521 19.21 -10.87 -13.13
N MET A 522 19.95 -9.96 -12.48
CA MET A 522 20.90 -10.37 -11.45
C MET A 522 20.20 -10.71 -10.14
N LEU A 523 19.49 -9.75 -9.56
CA LEU A 523 18.97 -9.85 -8.21
C LEU A 523 17.44 -9.93 -8.21
N PRO A 524 16.84 -10.43 -7.13
CA PRO A 524 15.38 -10.39 -7.02
C PRO A 524 14.80 -8.99 -7.07
N VAL A 525 15.51 -7.99 -6.54
CA VAL A 525 15.01 -6.61 -6.53
C VAL A 525 15.10 -5.95 -7.89
N SER A 526 15.78 -6.60 -8.85
CA SER A 526 15.95 -5.99 -10.16
C SER A 526 14.61 -5.73 -10.83
N THR A 527 13.69 -6.69 -10.72
CA THR A 527 12.34 -6.51 -11.25
C THR A 527 11.39 -7.34 -10.39
N PRO A 528 10.14 -6.89 -10.22
CA PRO A 528 9.17 -7.63 -9.39
C PRO A 528 8.94 -9.05 -9.88
N PRO A 529 9.05 -9.34 -11.18
CA PRO A 529 9.03 -10.75 -11.60
C PRO A 529 10.05 -11.62 -10.88
N ASN A 530 11.25 -11.12 -10.63
CA ASN A 530 12.27 -11.90 -9.94
C ASN A 530 11.87 -12.16 -8.48
N SER A 531 11.27 -11.16 -7.83
CA SER A 531 10.75 -11.37 -6.48
C SER A 531 9.66 -12.43 -6.47
N ILE A 532 8.80 -12.42 -7.50
CA ILE A 532 7.78 -13.46 -7.64
C ILE A 532 8.43 -14.82 -7.79
N ALA A 533 9.56 -14.87 -8.51
CA ALA A 533 10.28 -16.12 -8.69
C ALA A 533 10.79 -16.69 -7.37
N PHE A 534 11.46 -15.85 -6.57
CA PHE A 534 11.89 -16.30 -5.24
C PHE A 534 10.74 -16.45 -4.25
N ALA A 535 9.54 -15.99 -4.59
CA ALA A 535 8.40 -16.32 -3.75
C ALA A 535 8.21 -17.83 -3.62
N SER A 536 8.65 -18.62 -4.61
CA SER A 536 8.52 -20.06 -4.51
C SER A 536 9.51 -20.65 -3.50
N GLY A 537 10.76 -20.18 -3.54
CA GLY A 537 11.79 -20.66 -2.63
C GLY A 537 12.75 -21.68 -3.21
N HIS A 538 12.56 -22.08 -4.46
CA HIS A 538 13.44 -23.07 -5.10
C HIS A 538 14.60 -22.43 -5.85
N LEU A 539 14.73 -21.11 -5.84
CA LEU A 539 15.78 -20.42 -6.57
C LEU A 539 16.76 -19.78 -5.58
N LEU A 540 18.04 -19.82 -5.94
CA LEU A 540 19.10 -19.21 -5.15
C LEU A 540 19.58 -17.94 -5.83
N VAL A 541 20.15 -17.04 -5.02
CA VAL A 541 20.66 -15.79 -5.55
C VAL A 541 21.82 -16.04 -6.50
N LYS A 542 22.73 -16.95 -6.12
CA LYS A 542 23.90 -17.23 -6.94
C LYS A 542 23.50 -17.76 -8.32
N ASP A 543 22.42 -18.54 -8.37
CA ASP A 543 22.00 -19.13 -9.65
C ASP A 543 21.53 -18.08 -10.64
N MET A 544 20.64 -17.17 -10.21
CA MET A 544 20.21 -16.12 -11.13
C MET A 544 21.32 -15.12 -11.40
N VAL A 545 22.25 -14.96 -10.45
CA VAL A 545 23.41 -14.10 -10.72
C VAL A 545 24.24 -14.70 -11.86
N ARG A 546 24.54 -16.00 -11.77
CA ARG A 546 25.31 -16.66 -12.81
C ARG A 546 24.60 -16.62 -14.15
N THR A 547 23.29 -16.84 -14.16
CA THR A 547 22.55 -16.80 -15.42
C THR A 547 22.45 -15.39 -15.97
N GLY A 548 22.08 -14.43 -15.11
CA GLY A 548 21.83 -13.08 -15.57
C GLY A 548 23.08 -12.34 -16.02
N LEU A 549 24.26 -12.79 -15.58
CA LEU A 549 25.50 -12.25 -16.13
C LEU A 549 25.51 -12.37 -17.65
N LEU A 550 25.41 -13.60 -18.15
CA LEU A 550 25.42 -13.78 -19.60
C LEU A 550 24.14 -13.27 -20.25
N MET A 551 23.02 -13.30 -19.53
CA MET A 551 21.79 -12.72 -20.08
C MET A 551 21.99 -11.24 -20.39
N ASN A 552 22.55 -10.49 -19.44
CA ASN A 552 22.82 -9.07 -19.66
C ASN A 552 23.84 -8.88 -20.76
N LEU A 553 24.87 -9.72 -20.80
CA LEU A 553 25.89 -9.61 -21.85
C LEU A 553 25.28 -9.75 -23.24
N MET A 554 24.49 -10.81 -23.45
CA MET A 554 23.87 -11.02 -24.76
C MET A 554 22.86 -9.93 -25.07
N GLY A 555 22.11 -9.47 -24.07
CA GLY A 555 21.18 -8.38 -24.31
C GLY A 555 21.87 -7.12 -24.79
N VAL A 556 22.99 -6.77 -24.17
CA VAL A 556 23.74 -5.59 -24.60
C VAL A 556 24.28 -5.79 -26.00
N LEU A 557 24.81 -6.99 -26.31
CA LEU A 557 25.35 -7.24 -27.64
C LEU A 557 24.27 -7.13 -28.71
N LEU A 558 23.07 -7.67 -28.44
CA LEU A 558 21.99 -7.57 -29.41
C LEU A 558 21.46 -6.15 -29.52
N LEU A 559 21.51 -5.36 -28.44
CA LEU A 559 21.20 -3.94 -28.56
C LEU A 559 22.18 -3.23 -29.49
N SER A 560 23.47 -3.53 -29.35
CA SER A 560 24.46 -2.96 -30.26
C SER A 560 24.17 -3.37 -31.70
N LEU A 561 23.83 -4.65 -31.91
CA LEU A 561 23.50 -5.12 -33.26
C LEU A 561 22.29 -4.39 -33.83
N ALA A 562 21.25 -4.22 -33.01
CA ALA A 562 20.06 -3.50 -33.48
C ALA A 562 20.38 -2.04 -33.81
N MET A 563 21.14 -1.37 -32.93
CA MET A 563 21.55 0.01 -33.18
C MET A 563 22.43 0.15 -34.41
N ASN A 564 23.12 -0.92 -34.81
CA ASN A 564 24.07 -0.80 -35.91
C ASN A 564 23.50 -1.24 -37.25
N THR A 565 22.50 -2.11 -37.27
CA THR A 565 22.03 -2.70 -38.52
C THR A 565 20.66 -2.24 -38.95
N TRP A 566 19.62 -2.40 -38.12
CA TRP A 566 18.26 -2.13 -38.58
C TRP A 566 17.53 -1.05 -37.80
N ALA A 567 18.16 -0.42 -36.79
CA ALA A 567 17.57 0.76 -36.18
C ALA A 567 17.77 2.02 -37.02
N GLN A 568 18.88 2.12 -37.75
CA GLN A 568 19.18 3.32 -38.51
C GLN A 568 18.26 3.52 -39.70
N THR A 569 17.48 2.50 -40.07
CA THR A 569 16.55 2.60 -41.19
C THR A 569 15.10 2.68 -40.75
N ILE A 570 14.71 1.93 -39.72
CA ILE A 570 13.33 1.96 -39.26
C ILE A 570 13.00 3.32 -38.64
N PHE A 571 13.89 3.81 -37.77
CA PHE A 571 13.71 5.10 -37.11
C PHE A 571 14.53 6.21 -37.76
N GLN A 572 15.13 5.94 -38.92
CA GLN A 572 15.97 6.89 -39.67
C GLN A 572 16.90 7.69 -38.76
N LEU A 573 17.45 7.04 -37.74
CA LEU A 573 18.32 7.69 -36.77
C LEU A 573 19.79 7.64 -37.16
N GLY A 574 20.12 7.08 -38.33
CA GLY A 574 21.50 7.01 -38.76
C GLY A 574 22.07 8.32 -39.25
N THR A 575 21.23 9.31 -39.51
CA THR A 575 21.67 10.62 -39.96
C THR A 575 21.09 11.69 -39.04
N PHE A 576 21.94 12.60 -38.59
CA PHE A 576 21.50 13.69 -37.72
C PHE A 576 21.50 15.01 -38.47
N ALA B 6 -42.81 -13.69 3.18
CA ALA B 6 -42.81 -14.51 1.98
C ALA B 6 -41.53 -14.29 1.17
N ALA B 7 -41.55 -13.26 0.33
CA ALA B 7 -40.39 -12.92 -0.50
C ALA B 7 -39.41 -12.00 0.20
N ALA B 8 -39.69 -11.60 1.45
CA ALA B 8 -38.77 -10.73 2.18
C ALA B 8 -37.44 -11.43 2.41
N LYS B 9 -37.47 -12.72 2.74
CA LYS B 9 -36.24 -13.48 2.93
C LYS B 9 -35.46 -13.59 1.61
N LYS B 10 -36.17 -13.76 0.50
CA LYS B 10 -35.50 -13.85 -0.80
C LYS B 10 -34.80 -12.53 -1.14
N VAL B 11 -35.47 -11.40 -0.93
CA VAL B 11 -34.86 -10.11 -1.20
C VAL B 11 -33.69 -9.86 -0.26
N TRP B 12 -33.87 -10.16 1.03
CA TRP B 12 -32.81 -9.93 2.00
C TRP B 12 -31.63 -10.87 1.79
N SER B 13 -31.85 -11.99 1.09
CA SER B 13 -30.75 -12.89 0.75
C SER B 13 -29.81 -12.25 -0.26
N ALA B 14 -30.35 -11.48 -1.21
CA ALA B 14 -29.57 -10.86 -2.28
C ALA B 14 -29.31 -9.38 -1.98
N ARG B 15 -29.00 -9.07 -0.72
CA ARG B 15 -28.84 -7.69 -0.30
C ARG B 15 -27.69 -7.01 -1.03
N ARG B 16 -26.59 -7.74 -1.28
CA ARG B 16 -25.37 -7.15 -1.79
C ARG B 16 -25.58 -6.63 -3.21
N LEU B 17 -26.00 -7.51 -4.12
CA LEU B 17 -26.15 -7.11 -5.52
C LEU B 17 -27.29 -6.11 -5.68
N LEU B 18 -28.36 -6.25 -4.91
CA LEU B 18 -29.46 -5.30 -5.00
C LEU B 18 -28.99 -3.90 -4.63
N VAL B 19 -28.24 -3.76 -3.54
CA VAL B 19 -27.70 -2.47 -3.17
C VAL B 19 -26.74 -1.96 -4.24
N LEU B 20 -25.87 -2.85 -4.74
CA LEU B 20 -24.88 -2.44 -5.73
C LEU B 20 -25.51 -1.90 -6.99
N LEU B 21 -26.56 -2.56 -7.48
CA LEU B 21 -27.19 -2.13 -8.73
C LEU B 21 -28.18 -0.98 -8.54
N PHE B 22 -28.79 -0.85 -7.36
CA PHE B 22 -29.82 0.17 -7.17
C PHE B 22 -29.33 1.42 -6.46
N THR B 23 -28.08 1.46 -6.02
CA THR B 23 -27.58 2.67 -5.39
C THR B 23 -27.23 3.75 -6.42
N PRO B 24 -26.50 3.43 -7.51
CA PRO B 24 -26.28 4.47 -8.53
C PRO B 24 -27.57 4.99 -9.14
N LEU B 25 -28.55 4.12 -9.35
CA LEU B 25 -29.84 4.57 -9.88
C LEU B 25 -30.52 5.51 -8.90
N ALA B 26 -30.45 5.20 -7.60
CA ALA B 26 -31.07 6.06 -6.59
C ALA B 26 -30.37 7.40 -6.49
N LEU B 27 -29.04 7.42 -6.64
CA LEU B 27 -28.27 8.65 -6.52
C LEU B 27 -28.13 9.40 -7.85
N LEU B 28 -28.69 8.86 -8.93
CA LEU B 28 -28.64 9.53 -10.23
C LEU B 28 -29.19 10.97 -10.21
N PRO B 29 -30.32 11.27 -9.56
CA PRO B 29 -30.80 12.67 -9.58
C PRO B 29 -29.85 13.67 -8.94
N VAL B 30 -28.92 13.20 -8.10
CA VAL B 30 -27.95 14.12 -7.50
C VAL B 30 -27.11 14.80 -8.57
N VAL B 31 -26.70 14.04 -9.58
CA VAL B 31 -25.87 14.61 -10.65
C VAL B 31 -26.58 15.76 -11.35
N PHE B 32 -27.89 15.61 -11.60
CA PHE B 32 -28.65 16.66 -12.26
C PHE B 32 -29.09 17.76 -11.30
N ALA B 33 -29.03 17.53 -9.99
CA ALA B 33 -29.52 18.52 -9.04
C ALA B 33 -28.61 19.73 -8.96
N LEU B 34 -27.30 19.51 -8.89
CA LEU B 34 -26.33 20.59 -8.72
C LEU B 34 -25.35 20.60 -9.90
N PRO B 35 -24.47 21.61 -10.01
CA PRO B 35 -23.58 21.72 -11.18
C PRO B 35 -22.83 20.43 -11.48
N PRO B 36 -22.37 20.25 -12.74
CA PRO B 36 -21.90 18.93 -13.19
C PRO B 36 -20.77 18.32 -12.39
N LYS B 37 -19.63 19.02 -12.26
CA LYS B 37 -18.51 18.45 -11.52
C LYS B 37 -18.86 18.26 -10.04
N GLU B 38 -19.52 19.25 -9.44
CA GLU B 38 -19.98 19.10 -8.06
C GLU B 38 -20.97 17.95 -7.93
N GLY B 39 -21.87 17.81 -8.90
CA GLY B 39 -22.84 16.73 -8.86
C GLY B 39 -22.20 15.37 -8.96
N ARG B 40 -21.24 15.21 -9.87
CA ARG B 40 -20.56 13.93 -10.02
C ARG B 40 -19.73 13.59 -8.78
N CYS B 41 -19.06 14.59 -8.21
CA CYS B 41 -18.31 14.35 -6.98
C CYS B 41 -19.23 13.95 -5.84
N LEU B 42 -20.36 14.64 -5.70
CA LEU B 42 -21.33 14.28 -4.66
C LEU B 42 -21.87 12.87 -4.88
N PHE B 43 -22.12 12.51 -6.14
CA PHE B 43 -22.57 11.15 -6.46
C PHE B 43 -21.53 10.13 -6.03
N VAL B 44 -20.25 10.40 -6.28
CA VAL B 44 -19.20 9.47 -5.88
C VAL B 44 -19.15 9.35 -4.37
N ILE B 45 -19.23 10.48 -3.66
CA ILE B 45 -19.14 10.45 -2.20
C ILE B 45 -20.30 9.66 -1.61
N LEU B 46 -21.52 9.92 -2.09
CA LEU B 46 -22.70 9.23 -1.56
C LEU B 46 -22.68 7.75 -1.90
N LEU B 47 -22.26 7.41 -3.12
CA LEU B 47 -22.14 6.00 -3.49
C LEU B 47 -21.14 5.29 -2.60
N MET B 48 -19.99 5.92 -2.34
CA MET B 48 -18.98 5.32 -1.48
C MET B 48 -19.52 5.13 -0.07
N ALA B 49 -20.22 6.14 0.45
CA ALA B 49 -20.77 6.04 1.80
C ALA B 49 -21.81 4.93 1.91
N VAL B 50 -22.70 4.82 0.92
CA VAL B 50 -23.72 3.78 0.97
C VAL B 50 -23.09 2.40 0.86
N TYR B 51 -22.13 2.23 -0.05
CA TYR B 51 -21.45 0.94 -0.18
C TYR B 51 -20.69 0.58 1.09
N TRP B 52 -20.10 1.57 1.75
CA TRP B 52 -19.42 1.31 3.02
C TRP B 52 -20.40 0.89 4.10
N CYS B 53 -21.53 1.58 4.22
CA CYS B 53 -22.49 1.28 5.28
C CYS B 53 -23.14 -0.08 5.08
N THR B 54 -23.52 -0.40 3.84
CA THR B 54 -24.25 -1.62 3.55
C THR B 54 -23.36 -2.83 3.32
N GLU B 55 -22.04 -2.64 3.29
CA GLU B 55 -21.10 -3.72 3.01
C GLU B 55 -21.38 -4.38 1.66
N ALA B 56 -21.87 -3.59 0.71
CA ALA B 56 -22.14 -4.11 -0.63
C ALA B 56 -20.86 -4.60 -1.29
N LEU B 57 -19.76 -3.90 -1.05
CA LEU B 57 -18.42 -4.30 -1.47
C LEU B 57 -17.51 -4.32 -0.25
N PRO B 58 -16.42 -5.08 -0.31
CA PRO B 58 -15.43 -5.00 0.78
C PRO B 58 -14.91 -3.59 0.94
N LEU B 59 -14.58 -3.23 2.18
CA LEU B 59 -14.19 -1.85 2.48
C LEU B 59 -13.03 -1.39 1.61
N SER B 60 -12.06 -2.27 1.35
CA SER B 60 -10.95 -1.92 0.46
C SER B 60 -11.45 -1.67 -0.96
N VAL B 61 -12.34 -2.53 -1.46
CA VAL B 61 -12.83 -2.40 -2.82
C VAL B 61 -13.63 -1.10 -2.98
N THR B 62 -14.45 -0.77 -1.98
CA THR B 62 -15.14 0.52 -2.01
C THR B 62 -14.15 1.67 -1.92
N ALA B 63 -13.08 1.51 -1.17
CA ALA B 63 -12.06 2.54 -1.06
C ALA B 63 -11.34 2.78 -2.39
N LEU B 64 -11.32 1.80 -3.28
CA LEU B 64 -10.70 1.95 -4.59
C LEU B 64 -11.63 2.58 -5.62
N LEU B 65 -12.86 2.90 -5.24
CA LEU B 65 -13.80 3.51 -6.18
C LEU B 65 -13.31 4.82 -6.78
N PRO B 66 -12.67 5.75 -6.04
CA PRO B 66 -12.24 7.00 -6.68
C PRO B 66 -11.31 6.80 -7.87
N ILE B 67 -10.46 5.77 -7.84
CA ILE B 67 -9.55 5.52 -8.97
C ILE B 67 -10.33 5.29 -10.26
N VAL B 68 -11.50 4.68 -10.16
CA VAL B 68 -12.32 4.46 -11.34
C VAL B 68 -13.23 5.66 -11.62
N LEU B 69 -13.81 6.25 -10.58
CA LEU B 69 -14.88 7.23 -10.77
C LEU B 69 -14.36 8.62 -11.07
N PHE B 70 -13.35 9.10 -10.34
CA PHE B 70 -12.85 10.46 -10.56
C PHE B 70 -12.28 10.65 -11.96
N PRO B 71 -11.39 9.78 -12.47
CA PRO B 71 -10.90 9.99 -13.85
C PRO B 71 -11.98 9.87 -14.91
N PHE B 72 -12.89 8.89 -14.77
CA PHE B 72 -13.93 8.70 -15.77
C PHE B 72 -14.89 9.88 -15.80
N MET B 73 -15.18 10.46 -14.65
CA MET B 73 -16.10 11.59 -14.55
C MET B 73 -15.41 12.94 -14.75
N GLY B 74 -14.09 12.94 -14.99
CA GLY B 74 -13.39 14.18 -15.24
C GLY B 74 -13.13 15.02 -14.01
N ILE B 75 -13.19 14.43 -12.83
CA ILE B 75 -12.95 15.18 -11.59
C ILE B 75 -11.45 15.32 -11.33
N LEU B 76 -10.75 14.20 -11.23
CA LEU B 76 -9.32 14.20 -11.00
C LEU B 76 -8.65 13.26 -11.99
N PRO B 77 -7.45 13.61 -12.46
CA PRO B 77 -6.69 12.68 -13.31
C PRO B 77 -6.23 11.48 -12.50
N SER B 78 -5.94 10.39 -13.22
CA SER B 78 -5.46 9.19 -12.55
C SER B 78 -4.15 9.44 -11.83
N ASN B 79 -3.28 10.28 -12.41
CA ASN B 79 -1.99 10.57 -11.81
C ASN B 79 -2.09 11.48 -10.59
N LYS B 80 -3.28 12.01 -10.28
CA LYS B 80 -3.49 12.83 -9.10
C LYS B 80 -4.23 12.11 -7.98
N VAL B 81 -5.29 11.36 -8.32
CA VAL B 81 -6.04 10.62 -7.31
C VAL B 81 -5.22 9.46 -6.77
N CYS B 82 -4.38 8.85 -7.62
CA CYS B 82 -3.61 7.68 -7.21
C CYS B 82 -2.60 7.98 -6.11
N PRO B 83 -1.75 9.02 -6.20
CA PRO B 83 -0.78 9.25 -5.12
C PRO B 83 -1.40 9.54 -3.77
N GLN B 84 -2.62 10.05 -3.66
CA GLN B 84 -3.36 10.28 -2.39
C GLN B 84 -3.45 9.05 -1.48
N TYR B 85 -3.28 7.86 -2.00
CA TYR B 85 -3.49 6.63 -1.21
C TYR B 85 -2.27 6.36 -0.33
N PHE B 86 -1.20 7.08 -0.56
CA PHE B 86 -0.01 6.94 0.30
C PHE B 86 0.52 8.29 0.73
N LEU B 87 -0.34 9.20 1.10
CA LEU B 87 0.12 10.39 1.84
C LEU B 87 0.89 9.88 3.07
N ASP B 88 1.66 10.73 3.72
CA ASP B 88 2.50 10.41 4.92
C ASP B 88 1.72 9.90 6.14
N THR B 89 0.44 10.23 6.31
CA THR B 89 -0.41 9.75 7.39
C THR B 89 -0.61 8.24 7.30
N ASN B 90 -0.73 7.72 6.08
CA ASN B 90 -0.85 6.28 5.89
C ASN B 90 0.44 5.56 6.31
N PHE B 91 1.61 6.15 6.07
CA PHE B 91 2.84 5.59 6.60
C PHE B 91 2.86 5.58 8.12
N LEU B 92 2.39 6.65 8.76
CA LEU B 92 2.37 6.67 10.22
C LEU B 92 1.46 5.56 10.75
N PHE B 93 0.29 5.38 10.13
CA PHE B 93 -0.61 4.32 10.55
C PHE B 93 -0.01 2.94 10.29
N LEU B 94 0.65 2.76 9.14
CA LEU B 94 1.28 1.49 8.83
C LEU B 94 2.41 1.17 9.82
N SER B 95 3.22 2.18 10.16
CA SER B 95 4.28 1.99 11.14
C SER B 95 3.72 1.63 12.50
N GLY B 96 2.63 2.28 12.91
CA GLY B 96 1.99 1.91 14.16
C GLY B 96 1.45 0.49 14.13
N LEU B 97 0.89 0.07 12.99
CA LEU B 97 0.40 -1.30 12.86
C LEU B 97 1.54 -2.30 12.96
N ILE B 98 2.68 -2.02 12.35
CA ILE B 98 3.82 -2.92 12.44
C ILE B 98 4.37 -2.96 13.87
N MET B 99 4.39 -1.81 14.54
CA MET B 99 4.83 -1.77 15.94
C MET B 99 3.92 -2.62 16.81
N ALA B 100 2.60 -2.51 16.60
CA ALA B 100 1.66 -3.34 17.34
C ALA B 100 1.85 -4.82 17.02
N SER B 101 2.14 -5.14 15.76
CA SER B 101 2.42 -6.52 15.38
C SER B 101 3.64 -7.05 16.12
N ALA B 102 4.69 -6.23 16.23
CA ALA B 102 5.88 -6.64 16.96
C ALA B 102 5.57 -6.84 18.45
N ILE B 103 4.70 -5.98 19.01
CA ILE B 103 4.33 -6.12 20.41
C ILE B 103 3.58 -7.42 20.65
N GLU B 104 2.64 -7.75 19.76
CA GLU B 104 1.93 -9.04 19.84
C GLU B 104 2.87 -10.22 19.69
N GLU B 105 3.81 -10.16 18.74
CA GLU B 105 4.57 -11.33 18.34
C GLU B 105 5.50 -11.83 19.44
N TRP B 106 5.89 -10.98 20.39
CA TRP B 106 6.79 -11.39 21.47
C TRP B 106 6.06 -11.56 22.80
N ASN B 107 4.74 -11.69 22.77
CA ASN B 107 3.93 -11.96 23.96
C ASN B 107 4.08 -10.87 25.02
N LEU B 108 4.35 -9.64 24.61
CA LEU B 108 4.34 -8.52 25.55
C LEU B 108 2.92 -8.12 25.93
N HIS B 109 1.96 -8.32 25.03
CA HIS B 109 0.57 -8.01 25.33
C HIS B 109 0.06 -8.87 26.48
N ARG B 110 0.47 -10.14 26.52
CA ARG B 110 0.05 -11.01 27.62
C ARG B 110 0.61 -10.52 28.95
N ARG B 111 1.87 -10.08 28.97
CA ARG B 111 2.46 -9.56 30.20
C ARG B 111 1.73 -8.31 30.67
N ILE B 112 1.43 -7.39 29.73
CA ILE B 112 0.72 -6.18 30.09
C ILE B 112 -0.68 -6.51 30.61
N ALA B 113 -1.36 -7.45 29.94
CA ALA B 113 -2.71 -7.83 30.36
C ALA B 113 -2.71 -8.43 31.76
N LEU B 114 -1.76 -9.33 32.04
CA LEU B 114 -1.68 -9.92 33.37
C LEU B 114 -1.38 -8.87 34.42
N LYS B 115 -0.50 -7.91 34.10
CA LYS B 115 -0.25 -6.81 35.02
C LYS B 115 -1.51 -6.01 35.29
N ILE B 116 -2.31 -5.77 34.24
CA ILE B 116 -3.55 -5.02 34.39
C ILE B 116 -4.53 -5.77 35.29
N LEU B 117 -4.67 -7.08 35.10
CA LEU B 117 -5.56 -7.86 35.96
C LEU B 117 -5.11 -7.84 37.41
N MET B 118 -3.79 -7.98 37.65
CA MET B 118 -3.31 -7.95 39.02
C MET B 118 -3.53 -6.59 39.66
N LEU B 119 -3.33 -5.51 38.90
CA LEU B 119 -3.56 -4.17 39.42
C LEU B 119 -5.03 -3.92 39.69
N VAL B 120 -5.91 -4.38 38.81
CA VAL B 120 -7.33 -4.01 38.84
C VAL B 120 -8.14 -5.06 39.59
N GLY B 121 -8.12 -6.29 39.09
CA GLY B 121 -8.90 -7.38 39.67
C GLY B 121 -9.85 -7.99 38.67
N VAL B 122 -10.51 -9.06 39.13
CA VAL B 122 -11.44 -9.82 38.27
C VAL B 122 -12.81 -9.18 38.46
N GLN B 123 -13.04 -8.10 37.72
CA GLN B 123 -14.31 -7.38 37.69
C GLN B 123 -14.49 -6.76 36.31
N PRO B 124 -15.46 -7.22 35.53
CA PRO B 124 -15.59 -6.72 34.15
C PRO B 124 -15.76 -5.21 34.04
N ALA B 125 -16.49 -4.61 34.99
CA ALA B 125 -16.65 -3.16 34.96
C ALA B 125 -15.34 -2.45 35.27
N ARG B 126 -14.61 -2.93 36.28
CA ARG B 126 -13.31 -2.36 36.62
C ARG B 126 -12.33 -2.49 35.46
N LEU B 127 -12.29 -3.67 34.83
CA LEU B 127 -11.39 -3.87 33.70
C LEU B 127 -11.76 -3.00 32.51
N ILE B 128 -13.06 -2.88 32.22
CA ILE B 128 -13.50 -2.03 31.12
C ILE B 128 -13.07 -0.59 31.36
N LEU B 129 -13.34 -0.06 32.56
CA LEU B 129 -12.97 1.32 32.86
C LEU B 129 -11.46 1.51 32.86
N GLY B 130 -10.73 0.53 33.39
CA GLY B 130 -9.28 0.64 33.40
C GLY B 130 -8.69 0.73 32.01
N MET B 131 -9.22 -0.07 31.07
CA MET B 131 -8.72 0.04 29.71
C MET B 131 -9.24 1.29 29.02
N MET B 132 -10.42 1.78 29.41
CA MET B 132 -10.89 3.06 28.88
C MET B 132 -9.86 4.15 29.14
N VAL B 133 -9.46 4.30 30.41
CA VAL B 133 -8.51 5.36 30.75
C VAL B 133 -7.13 5.05 30.18
N THR B 134 -6.74 3.77 30.19
CA THR B 134 -5.41 3.41 29.66
C THR B 134 -5.31 3.67 28.17
N THR B 135 -6.35 3.32 27.40
CA THR B 135 -6.32 3.53 25.96
C THR B 135 -6.46 5.02 25.63
N SER B 136 -7.24 5.77 26.41
CA SER B 136 -7.28 7.20 26.21
C SER B 136 -5.92 7.83 26.47
N PHE B 137 -5.23 7.39 27.52
CA PHE B 137 -3.88 7.86 27.79
C PHE B 137 -2.93 7.50 26.66
N LEU B 138 -3.04 6.26 26.15
CA LEU B 138 -2.22 5.85 25.02
C LEU B 138 -2.54 6.66 23.78
N SER B 139 -3.78 7.15 23.65
CA SER B 139 -4.19 7.89 22.47
C SER B 139 -3.89 9.37 22.56
N MET B 140 -3.58 9.90 23.75
CA MET B 140 -3.18 11.30 23.82
C MET B 140 -1.87 11.57 23.12
N TRP B 141 -1.03 10.55 22.93
CA TRP B 141 0.27 10.72 22.31
C TRP B 141 0.44 9.93 21.02
N LEU B 142 -0.24 8.80 20.88
CA LEU B 142 -0.21 8.02 19.65
C LEU B 142 -1.54 8.15 18.93
N SER B 143 -1.54 7.77 17.65
CA SER B 143 -2.75 7.83 16.86
C SER B 143 -3.77 6.81 17.35
N ASN B 144 -5.04 7.08 17.05
CA ASN B 144 -6.13 6.21 17.51
C ASN B 144 -5.98 4.82 16.91
N THR B 145 -5.66 4.73 15.61
CA THR B 145 -5.49 3.44 14.97
C THR B 145 -4.36 2.65 15.61
N ALA B 146 -3.23 3.31 15.88
CA ALA B 146 -2.11 2.62 16.52
C ALA B 146 -2.51 2.07 17.87
N SER B 147 -3.03 2.94 18.75
CA SER B 147 -3.36 2.54 20.11
C SER B 147 -4.39 1.42 20.13
N THR B 148 -5.37 1.49 19.23
CA THR B 148 -6.34 0.40 19.10
C THR B 148 -5.65 -0.90 18.69
N ALA B 149 -4.69 -0.81 17.76
CA ALA B 149 -4.00 -2.00 17.28
C ALA B 149 -3.13 -2.63 18.37
N MET B 150 -2.70 -1.83 19.35
CA MET B 150 -1.94 -2.40 20.46
C MET B 150 -2.83 -2.81 21.64
N MET B 151 -4.07 -2.32 21.72
CA MET B 151 -4.92 -2.60 22.86
C MET B 151 -5.91 -3.74 22.65
N LEU B 152 -6.30 -4.02 21.40
CA LEU B 152 -7.02 -5.27 21.16
C LEU B 152 -6.23 -6.51 21.53
N PRO B 153 -4.93 -6.64 21.23
CA PRO B 153 -4.19 -7.81 21.74
C PRO B 153 -4.27 -7.96 23.24
N ILE B 154 -4.11 -6.87 23.98
CA ILE B 154 -4.17 -6.93 25.43
C ILE B 154 -5.58 -7.32 25.89
N ALA B 155 -6.60 -6.74 25.26
CA ALA B 155 -7.98 -7.06 25.63
C ALA B 155 -8.30 -8.53 25.36
N ASN B 156 -7.89 -9.06 24.21
CA ASN B 156 -8.16 -10.45 23.91
C ASN B 156 -7.44 -11.37 24.89
N ALA B 157 -6.20 -11.01 25.26
CA ALA B 157 -5.51 -11.77 26.30
C ALA B 157 -6.28 -11.74 27.62
N ILE B 158 -6.82 -10.58 27.97
CA ILE B 158 -7.60 -10.46 29.21
C ILE B 158 -8.81 -11.41 29.16
N LEU B 159 -9.54 -11.38 28.04
CA LEU B 159 -10.72 -12.23 27.92
C LEU B 159 -10.37 -13.70 28.02
N LYS B 160 -9.32 -14.13 27.33
CA LYS B 160 -8.87 -15.50 27.42
C LYS B 160 -8.31 -15.82 28.80
N SER B 161 -8.01 -14.80 29.60
CA SER B 161 -7.51 -15.02 30.96
C SER B 161 -8.64 -15.28 31.94
N LEU B 162 -9.55 -14.32 32.12
CA LEU B 162 -10.53 -14.48 33.19
C LEU B 162 -11.61 -15.50 32.83
N PHE B 163 -11.94 -15.62 31.55
CA PHE B 163 -12.96 -16.55 31.09
C PHE B 163 -12.38 -17.89 30.64
N GLY B 164 -11.07 -18.07 30.74
CA GLY B 164 -10.44 -19.31 30.34
C GLY B 164 -10.27 -19.43 28.83
N ASP B 224 -24.79 -18.31 30.19
CA ASP B 224 -23.81 -18.25 29.12
C ASP B 224 -23.78 -16.88 28.45
N GLU B 225 -24.97 -16.33 28.21
CA GLU B 225 -25.08 -15.09 27.45
C GLU B 225 -24.28 -13.95 28.07
N TYR B 226 -24.07 -13.99 29.39
CA TYR B 226 -23.33 -12.94 30.06
C TYR B 226 -21.88 -12.89 29.59
N ARG B 227 -21.26 -14.06 29.41
CA ARG B 227 -19.89 -14.12 28.90
C ARG B 227 -19.77 -13.41 27.55
N ARG B 228 -20.64 -13.77 26.62
CA ARG B 228 -20.55 -13.30 25.24
C ARG B 228 -21.01 -11.85 25.10
N ASN B 229 -21.96 -11.41 25.93
CA ASN B 229 -22.26 -9.98 26.01
C ASN B 229 -21.07 -9.20 26.56
N ILE B 230 -20.37 -9.76 27.55
CA ILE B 230 -19.15 -9.13 28.04
C ILE B 230 -18.09 -9.12 26.94
N TRP B 231 -18.01 -10.20 26.14
CA TRP B 231 -17.13 -10.20 24.98
C TRP B 231 -17.41 -9.00 24.07
N LYS B 232 -18.67 -8.81 23.70
CA LYS B 232 -19.04 -7.71 22.83
C LYS B 232 -18.67 -6.37 23.45
N GLY B 233 -19.07 -6.13 24.69
CA GLY B 233 -18.79 -4.85 25.32
C GLY B 233 -17.32 -4.62 25.57
N PHE B 234 -16.62 -5.64 26.04
CA PHE B 234 -15.22 -5.57 26.37
C PHE B 234 -14.38 -5.23 25.14
N LEU B 235 -14.81 -5.69 23.95
CA LEU B 235 -14.15 -5.37 22.69
C LEU B 235 -14.63 -4.08 22.06
N ILE B 236 -15.85 -3.62 22.34
CA ILE B 236 -16.29 -2.34 21.79
C ILE B 236 -15.66 -1.18 22.55
N SER B 237 -15.25 -1.38 23.80
CA SER B 237 -14.73 -0.26 24.59
C SER B 237 -13.40 0.28 24.07
N ILE B 238 -12.63 -0.51 23.33
CA ILE B 238 -11.27 -0.09 22.96
C ILE B 238 -11.27 0.92 21.81
N PRO B 239 -11.84 0.62 20.63
CA PRO B 239 -11.80 1.64 19.56
C PRO B 239 -12.52 2.92 19.94
N TYR B 240 -13.62 2.81 20.67
CA TYR B 240 -14.33 4.00 21.12
C TYR B 240 -13.46 4.86 22.02
N SER B 241 -12.79 4.23 22.98
CA SER B 241 -11.97 5.00 23.92
C SER B 241 -10.75 5.59 23.23
N ALA B 242 -10.24 4.91 22.20
CA ALA B 242 -9.14 5.49 21.43
C ALA B 242 -9.59 6.73 20.68
N SER B 243 -10.77 6.67 20.05
CA SER B 243 -11.31 7.85 19.39
C SER B 243 -11.57 8.98 20.38
N ILE B 244 -12.02 8.63 21.57
CA ILE B 244 -12.19 9.64 22.62
C ILE B 244 -10.84 10.26 22.99
N GLY B 245 -9.82 9.42 23.14
CA GLY B 245 -8.52 9.90 23.60
C GLY B 245 -7.76 10.73 22.59
N GLY B 246 -8.06 10.56 21.30
CA GLY B 246 -7.34 11.32 20.28
C GLY B 246 -7.64 12.80 20.29
N THR B 247 -8.74 13.22 20.90
CA THR B 247 -9.21 14.60 20.74
C THR B 247 -8.53 15.58 21.69
N ALA B 248 -8.12 15.13 22.87
CA ALA B 248 -7.70 16.08 23.90
C ALA B 248 -6.39 16.76 23.57
N THR B 249 -5.48 16.06 22.91
CA THR B 249 -4.15 16.59 22.62
C THR B 249 -3.99 16.81 21.12
N LEU B 250 -3.23 17.86 20.77
CA LEU B 250 -2.97 18.15 19.37
C LEU B 250 -2.20 17.01 18.70
N THR B 251 -1.24 16.42 19.41
CA THR B 251 -0.52 15.26 18.93
C THR B 251 -1.33 13.98 19.00
N GLY B 252 -2.52 14.02 19.62
CA GLY B 252 -3.30 12.81 19.80
C GLY B 252 -3.77 12.20 18.49
N THR B 253 -4.23 13.03 17.56
CA THR B 253 -4.74 12.52 16.30
C THR B 253 -4.47 13.53 15.20
N ALA B 254 -4.48 13.03 13.95
CA ALA B 254 -4.19 13.89 12.80
C ALA B 254 -5.13 15.07 12.64
N PRO B 255 -6.46 14.94 12.82
CA PRO B 255 -7.33 16.12 12.61
C PRO B 255 -6.97 17.33 13.45
N ASN B 256 -6.41 17.14 14.65
CA ASN B 256 -5.99 18.30 15.44
C ASN B 256 -4.85 19.06 14.75
N LEU B 257 -3.87 18.33 14.22
CA LEU B 257 -2.79 18.98 13.48
C LEU B 257 -3.31 19.59 12.18
N ILE B 258 -4.31 18.96 11.55
CA ILE B 258 -4.93 19.55 10.37
C ILE B 258 -5.61 20.86 10.73
N LEU B 259 -6.30 20.90 11.87
CA LEU B 259 -6.89 22.14 12.35
C LEU B 259 -5.85 23.22 12.56
N LEU B 260 -4.73 22.86 13.20
CA LEU B 260 -3.70 23.86 13.47
C LEU B 260 -3.08 24.38 12.19
N GLY B 261 -2.78 23.49 11.24
CA GLY B 261 -2.21 23.92 9.98
C GLY B 261 -3.16 24.77 9.16
N GLN B 262 -4.44 24.37 9.11
CA GLN B 262 -5.42 25.15 8.36
C GLN B 262 -5.66 26.50 9.02
N LEU B 263 -5.60 26.56 10.35
CA LEU B 263 -5.69 27.84 11.04
C LEU B 263 -4.51 28.73 10.70
N LYS B 264 -3.31 28.15 10.65
CA LYS B 264 -2.12 28.93 10.29
C LYS B 264 -2.23 29.46 8.87
N SER B 265 -2.70 28.64 7.94
CA SER B 265 -2.83 29.08 6.56
C SER B 265 -3.93 30.12 6.40
N PHE B 266 -5.10 29.85 6.95
CA PHE B 266 -6.24 30.76 6.79
C PHE B 266 -6.09 32.02 7.63
N PHE B 267 -5.66 31.87 8.88
CA PHE B 267 -5.64 32.95 9.85
C PHE B 267 -4.26 33.04 10.50
N PRO B 268 -3.29 33.66 9.84
CA PRO B 268 -2.01 33.91 10.49
C PRO B 268 -2.12 34.78 11.73
N GLN B 269 -3.11 35.69 11.76
CA GLN B 269 -3.30 36.53 12.94
C GLN B 269 -3.70 35.72 14.15
N CYS B 270 -4.55 34.72 13.98
CA CYS B 270 -5.04 33.92 15.09
C CYS B 270 -3.97 32.93 15.53
N ASP B 271 -3.48 33.09 16.76
CA ASP B 271 -2.47 32.19 17.30
C ASP B 271 -2.75 31.81 18.74
N VAL B 272 -3.99 31.98 19.21
CA VAL B 272 -4.33 31.66 20.59
C VAL B 272 -4.32 30.16 20.83
N VAL B 273 -4.46 29.36 19.79
CA VAL B 273 -4.52 27.90 19.92
C VAL B 273 -3.10 27.35 19.97
N ASN B 274 -2.76 26.68 21.06
CA ASN B 274 -1.48 26.00 21.21
C ASN B 274 -1.75 24.67 21.90
N PHE B 275 -0.68 23.96 22.28
CA PHE B 275 -0.85 22.70 22.98
C PHE B 275 -1.49 22.90 24.34
N GLY B 276 -1.04 23.90 25.10
CA GLY B 276 -1.58 24.10 26.43
C GLY B 276 -3.05 24.48 26.43
N SER B 277 -3.43 25.43 25.56
CA SER B 277 -4.83 25.86 25.51
C SER B 277 -5.74 24.74 25.03
N TRP B 278 -5.32 24.02 23.98
CA TRP B 278 -6.12 22.91 23.49
C TRP B 278 -6.26 21.82 24.53
N PHE B 279 -5.18 21.53 25.26
CA PHE B 279 -5.23 20.49 26.29
C PHE B 279 -6.17 20.88 27.42
N ILE B 280 -6.04 22.11 27.94
CA ILE B 280 -6.90 22.52 29.05
C ILE B 280 -8.35 22.61 28.60
N PHE B 281 -8.59 22.90 27.34
CA PHE B 281 -9.96 22.90 26.82
C PHE B 281 -10.53 21.49 26.71
N ALA B 282 -9.77 20.56 26.14
CA ALA B 282 -10.33 19.29 25.70
C ALA B 282 -10.15 18.15 26.68
N PHE B 283 -9.24 18.26 27.66
CA PHE B 283 -9.15 17.24 28.68
C PHE B 283 -10.43 17.09 29.50
N PRO B 284 -11.11 18.16 29.93
CA PRO B 284 -12.43 17.96 30.55
C PRO B 284 -13.42 17.24 29.64
N LEU B 285 -13.34 17.51 28.32
CA LEU B 285 -14.17 16.77 27.38
C LEU B 285 -13.80 15.29 27.39
N MET B 286 -12.51 14.96 27.42
CA MET B 286 -12.09 13.57 27.57
C MET B 286 -12.72 12.94 28.80
N LEU B 287 -12.57 13.58 29.96
CA LEU B 287 -13.05 12.98 31.20
C LEU B 287 -14.56 12.78 31.15
N LEU B 288 -15.31 13.82 30.78
CA LEU B 288 -16.76 13.73 30.78
C LEU B 288 -17.25 12.66 29.81
N PHE B 289 -16.77 12.70 28.57
CA PHE B 289 -17.30 11.80 27.57
C PHE B 289 -16.79 10.38 27.77
N LEU B 290 -15.61 10.22 28.36
CA LEU B 290 -15.13 8.89 28.73
C LEU B 290 -15.98 8.27 29.81
N LEU B 291 -16.32 9.03 30.86
CA LEU B 291 -17.22 8.49 31.87
C LEU B 291 -18.59 8.17 31.29
N ALA B 292 -19.11 9.04 30.43
CA ALA B 292 -20.40 8.77 29.79
C ALA B 292 -20.35 7.50 28.97
N GLY B 293 -19.28 7.34 28.17
CA GLY B 293 -19.13 6.14 27.37
C GLY B 293 -18.97 4.89 28.21
N TRP B 294 -18.19 4.98 29.30
CA TRP B 294 -18.00 3.82 30.16
C TRP B 294 -19.31 3.40 30.81
N LEU B 295 -20.12 4.37 31.28
CA LEU B 295 -21.42 4.03 31.85
C LEU B 295 -22.33 3.39 30.81
N TRP B 296 -22.32 3.92 29.58
CA TRP B 296 -23.16 3.35 28.54
C TRP B 296 -22.74 1.91 28.19
N ILE B 297 -21.43 1.67 28.07
CA ILE B 297 -20.95 0.33 27.77
C ILE B 297 -21.27 -0.62 28.92
N SER B 298 -21.07 -0.16 30.16
CA SER B 298 -21.34 -1.01 31.31
C SER B 298 -22.83 -1.37 31.41
N PHE B 299 -23.71 -0.39 31.18
CA PHE B 299 -25.13 -0.67 31.27
C PHE B 299 -25.58 -1.59 30.13
N LEU B 300 -25.09 -1.35 28.91
CA LEU B 300 -25.45 -2.22 27.80
C LEU B 300 -24.87 -3.62 27.99
N TYR B 301 -23.63 -3.71 28.44
CA TYR B 301 -22.92 -4.99 28.58
C TYR B 301 -22.47 -5.15 30.02
N GLY B 302 -23.06 -6.11 30.72
CA GLY B 302 -22.70 -6.40 32.10
C GLY B 302 -23.49 -5.65 33.14
N GLY B 303 -24.40 -4.76 32.74
CA GLY B 303 -25.21 -4.01 33.70
C GLY B 303 -24.41 -2.99 34.49
N ASN B 319 -15.25 -18.11 47.87
CA ASN B 319 -13.88 -17.69 47.62
C ASN B 319 -13.53 -17.77 46.14
N ALA B 320 -14.53 -17.48 45.29
CA ALA B 320 -14.30 -17.51 43.84
C ALA B 320 -13.29 -16.45 43.42
N GLU B 321 -13.38 -15.25 44.01
CA GLU B 321 -12.43 -14.19 43.66
C GLU B 321 -11.01 -14.57 44.03
N ASP B 322 -10.82 -15.17 45.20
CA ASP B 322 -9.48 -15.58 45.61
C ASP B 322 -8.92 -16.65 44.66
N ARG B 323 -9.74 -17.61 44.27
CA ARG B 323 -9.29 -18.63 43.33
C ARG B 323 -8.94 -18.03 41.97
N ALA B 324 -9.77 -17.09 41.50
CA ALA B 324 -9.49 -16.45 40.22
C ALA B 324 -8.18 -15.67 40.27
N ARG B 325 -7.94 -14.93 41.37
CA ARG B 325 -6.69 -14.20 41.51
C ARG B 325 -5.51 -15.17 41.61
N ALA B 326 -5.70 -16.32 42.23
CA ALA B 326 -4.65 -17.33 42.28
C ALA B 326 -4.31 -17.83 40.89
N VAL B 327 -5.33 -18.07 40.06
CA VAL B 327 -5.07 -18.49 38.68
C VAL B 327 -4.37 -17.39 37.90
N ILE B 328 -4.74 -16.13 38.15
CA ILE B 328 -4.09 -15.01 37.46
C ILE B 328 -2.61 -14.95 37.83
N ARG B 329 -2.31 -15.08 39.12
CA ARG B 329 -0.92 -15.07 39.56
C ARG B 329 -0.16 -16.27 39.01
N GLU B 330 -0.80 -17.44 38.96
CA GLU B 330 -0.17 -18.62 38.37
C GLU B 330 0.14 -18.41 36.90
N GLU B 331 -0.78 -17.77 36.16
CA GLU B 331 -0.52 -17.47 34.76
C GLU B 331 0.64 -16.49 34.60
N TYR B 332 0.70 -15.47 35.48
CA TYR B 332 1.81 -14.53 35.43
C TYR B 332 3.14 -15.22 35.69
N GLN B 333 3.17 -16.15 36.65
CA GLN B 333 4.39 -16.91 36.89
C GLN B 333 4.71 -17.83 35.72
N ASN B 334 3.68 -18.37 35.07
CA ASN B 334 3.89 -19.19 33.88
C ASN B 334 4.49 -18.37 32.74
N LEU B 335 4.21 -17.06 32.71
CA LEU B 335 4.85 -16.20 31.71
C LEU B 335 6.37 -16.20 31.88
N GLY B 336 6.84 -16.21 33.12
CA GLY B 336 8.26 -16.27 33.40
C GLY B 336 8.94 -14.92 33.34
N PRO B 337 10.26 -14.91 33.48
CA PRO B 337 11.00 -13.65 33.42
C PRO B 337 10.91 -13.02 32.03
N ILE B 338 10.99 -11.69 32.00
CA ILE B 338 10.89 -10.97 30.74
C ILE B 338 12.11 -11.25 29.90
N LYS B 339 11.88 -11.54 28.61
CA LYS B 339 12.97 -11.86 27.70
C LYS B 339 13.60 -10.59 27.16
N PHE B 340 14.77 -10.75 26.52
CA PHE B 340 15.47 -9.62 25.93
C PHE B 340 14.65 -9.00 24.80
N ALA B 341 13.98 -9.84 24.01
CA ALA B 341 13.17 -9.34 22.91
C ALA B 341 12.02 -8.47 23.41
N GLU B 342 11.38 -8.88 24.50
CA GLU B 342 10.28 -8.10 25.07
C GLU B 342 10.76 -6.73 25.52
N GLN B 343 11.91 -6.68 26.21
CA GLN B 343 12.45 -5.40 26.65
C GLN B 343 12.84 -4.53 25.47
N ALA B 344 13.44 -5.12 24.44
CA ALA B 344 13.81 -4.34 23.25
C ALA B 344 12.58 -3.77 22.55
N VAL B 345 11.52 -4.57 22.42
CA VAL B 345 10.30 -4.10 21.78
C VAL B 345 9.66 -2.99 22.61
N PHE B 346 9.63 -3.15 23.94
CA PHE B 346 9.04 -2.12 24.79
C PHE B 346 9.84 -0.83 24.73
N ILE B 347 11.17 -0.93 24.71
CA ILE B 347 12.00 0.27 24.63
C ILE B 347 11.83 0.96 23.28
N LEU B 348 11.71 0.18 22.21
CA LEU B 348 11.42 0.77 20.91
C LEU B 348 10.06 1.46 20.91
N PHE B 349 9.08 0.87 21.58
CA PHE B 349 7.79 1.52 21.77
C PHE B 349 7.93 2.86 22.49
N CYS B 350 8.69 2.88 23.58
CA CYS B 350 8.87 4.11 24.34
C CYS B 350 9.55 5.18 23.50
N MET B 351 10.59 4.79 22.76
CA MET B 351 11.27 5.74 21.89
C MET B 351 10.34 6.25 20.80
N PHE B 352 9.50 5.37 20.25
CA PHE B 352 8.55 5.77 19.23
C PHE B 352 7.59 6.84 19.77
N ALA B 353 7.01 6.60 20.94
CA ALA B 353 6.07 7.56 21.51
C ALA B 353 6.76 8.87 21.87
N ILE B 354 7.95 8.79 22.47
CA ILE B 354 8.66 10.01 22.89
C ILE B 354 9.05 10.83 21.67
N LEU B 355 9.57 10.19 20.63
CA LEU B 355 9.95 10.92 19.43
C LEU B 355 8.74 11.50 18.70
N LEU B 356 7.59 10.79 18.74
CA LEU B 356 6.38 11.36 18.16
C LEU B 356 5.94 12.61 18.91
N PHE B 357 6.00 12.58 20.24
CA PHE B 357 5.54 13.73 21.02
C PHE B 357 6.51 14.90 20.89
N THR B 358 7.82 14.63 20.94
CA THR B 358 8.83 15.68 20.97
C THR B 358 9.28 16.11 19.59
N ARG B 359 8.67 15.59 18.52
CA ARG B 359 9.07 16.00 17.17
C ARG B 359 8.83 17.49 16.95
N ASP B 360 7.66 17.97 17.33
CA ASP B 360 7.35 19.38 17.16
C ASP B 360 6.24 19.83 18.10
N PRO B 361 6.52 19.97 19.40
CA PRO B 361 5.53 20.58 20.29
C PRO B 361 5.34 22.05 19.96
N LYS B 362 4.14 22.56 20.23
CA LYS B 362 3.84 23.94 19.87
C LYS B 362 4.10 24.93 20.99
N PHE B 363 4.52 24.46 22.16
CA PHE B 363 4.95 25.34 23.25
C PHE B 363 6.46 25.43 23.35
N ILE B 364 7.15 24.32 23.11
CA ILE B 364 8.61 24.27 23.06
C ILE B 364 8.99 23.64 21.74
N PRO B 365 9.97 24.17 21.00
CA PRO B 365 10.32 23.56 19.72
C PRO B 365 10.94 22.18 19.90
N GLY B 366 10.70 21.30 18.92
CA GLY B 366 11.21 19.96 18.96
C GLY B 366 12.46 19.79 18.10
N TRP B 367 12.85 18.54 17.90
CA TRP B 367 14.02 18.24 17.10
C TRP B 367 13.80 18.41 15.62
N ALA B 368 12.56 18.62 15.17
CA ALA B 368 12.30 18.91 13.77
C ALA B 368 12.82 20.29 13.36
N SER B 369 13.09 21.17 14.34
CA SER B 369 13.67 22.47 14.04
C SER B 369 15.14 22.38 13.63
N LEU B 370 15.79 21.26 13.91
CA LEU B 370 17.18 21.06 13.51
C LEU B 370 17.33 20.82 12.01
N PHE B 371 16.23 20.63 11.29
CA PHE B 371 16.26 20.33 9.88
C PHE B 371 15.41 21.34 9.11
N ASN B 372 15.19 21.08 7.83
CA ASN B 372 14.40 21.98 7.00
C ASN B 372 12.96 22.04 7.50
N PRO B 373 12.32 23.21 7.43
CA PRO B 373 10.95 23.34 7.94
C PRO B 373 9.95 22.68 7.00
N GLY B 374 9.09 21.83 7.56
CA GLY B 374 8.09 21.13 6.80
C GLY B 374 8.58 19.86 6.13
N PHE B 375 9.87 19.55 6.24
CA PHE B 375 10.40 18.33 5.62
C PHE B 375 10.10 17.09 6.46
N LEU B 376 10.07 17.23 7.78
CA LEU B 376 9.88 16.10 8.68
C LEU B 376 8.43 16.02 9.14
N SER B 377 7.99 14.79 9.40
CA SER B 377 6.64 14.53 9.88
C SER B 377 6.67 13.29 10.77
N ASP B 378 5.50 12.89 11.27
CA ASP B 378 5.41 11.70 12.08
C ASP B 378 5.65 10.43 11.28
N ALA B 379 5.43 10.47 9.97
CA ALA B 379 5.68 9.29 9.13
C ALA B 379 7.15 8.93 9.13
N VAL B 380 8.03 9.93 9.05
CA VAL B 380 9.47 9.67 9.05
C VAL B 380 9.88 9.01 10.36
N THR B 381 9.39 9.54 11.48
CA THR B 381 9.70 8.96 12.77
C THR B 381 9.20 7.53 12.87
N GLY B 382 7.96 7.28 12.42
CA GLY B 382 7.42 5.94 12.49
C GLY B 382 8.21 4.94 11.65
N VAL B 383 8.53 5.32 10.41
CA VAL B 383 9.28 4.42 9.54
C VAL B 383 10.68 4.18 10.09
N ALA B 384 11.32 5.22 10.62
CA ALA B 384 12.66 5.04 11.20
C ALA B 384 12.63 4.10 12.39
N ILE B 385 11.63 4.23 13.26
CA ILE B 385 11.53 3.34 14.41
C ILE B 385 11.24 1.91 13.96
N VAL B 386 10.34 1.74 13.00
CA VAL B 386 9.97 0.40 12.54
C VAL B 386 11.15 -0.29 11.84
N THR B 387 11.97 0.48 11.14
CA THR B 387 13.13 -0.09 10.46
C THR B 387 14.06 -0.80 11.44
N ILE B 388 14.15 -0.31 12.68
CA ILE B 388 15.01 -0.93 13.68
C ILE B 388 14.51 -2.32 14.03
N LEU B 389 13.19 -2.53 14.04
CA LEU B 389 12.63 -3.82 14.39
C LEU B 389 13.05 -4.93 13.44
N PHE B 390 13.39 -4.60 12.20
CA PHE B 390 13.68 -5.61 11.19
C PHE B 390 15.14 -6.05 11.14
N PHE B 391 16.02 -5.41 11.91
CA PHE B 391 17.40 -5.87 12.02
C PHE B 391 17.91 -5.98 13.45
N PHE B 392 17.19 -5.49 14.44
CA PHE B 392 17.64 -5.61 15.82
C PHE B 392 17.56 -7.06 16.27
N PRO B 393 18.61 -7.61 16.87
CA PRO B 393 18.57 -9.01 17.30
C PRO B 393 17.56 -9.22 18.42
N SER B 394 16.97 -10.42 18.44
CA SER B 394 16.00 -10.79 19.45
C SER B 394 16.62 -11.46 20.66
N GLN B 395 17.93 -11.75 20.63
CA GLN B 395 18.64 -12.36 21.73
C GLN B 395 19.77 -11.45 22.18
N ARG B 396 20.25 -11.67 23.39
CA ARG B 396 21.30 -10.82 23.95
C ARG B 396 22.60 -11.03 23.20
N PRO B 397 23.20 -9.97 22.63
CA PRO B 397 24.48 -10.15 21.93
C PRO B 397 25.64 -10.06 22.92
N SER B 398 26.48 -11.09 22.91
CA SER B 398 27.62 -11.18 23.81
C SER B 398 28.91 -11.14 23.01
N LEU B 399 29.86 -10.31 23.47
CA LEU B 399 31.15 -10.21 22.79
C LEU B 399 31.94 -11.50 22.88
N LYS B 400 31.62 -12.38 23.83
CA LYS B 400 32.32 -13.66 23.96
C LYS B 400 32.09 -14.58 22.78
N TRP B 401 31.04 -14.34 21.98
CA TRP B 401 30.76 -15.19 20.83
C TRP B 401 31.88 -15.11 19.80
N TRP B 402 32.43 -13.91 19.58
CA TRP B 402 33.53 -13.77 18.62
C TRP B 402 34.74 -14.58 19.05
N PHE B 403 35.08 -14.55 20.33
CA PHE B 403 36.25 -15.28 20.82
C PHE B 403 35.98 -16.78 20.94
N ASP B 404 34.76 -17.16 21.28
CA ASP B 404 34.41 -18.58 21.45
C ASP B 404 34.27 -19.22 20.06
N PHE B 405 35.33 -19.88 19.63
CA PHE B 405 35.31 -20.57 18.34
C PHE B 405 34.42 -21.82 18.36
N LYS B 406 34.13 -22.35 19.54
CA LYS B 406 33.29 -23.54 19.65
C LYS B 406 31.81 -23.23 19.57
N ALA B 407 31.41 -21.97 19.67
CA ALA B 407 30.00 -21.63 19.60
C ALA B 407 29.46 -21.90 18.19
N PRO B 408 28.22 -22.38 18.09
CA PRO B 408 27.64 -22.61 16.75
C PRO B 408 27.49 -21.32 15.98
N ASN B 409 27.69 -21.40 14.67
CA ASN B 409 27.61 -20.25 13.77
C ASN B 409 26.25 -20.26 13.09
N THR B 410 25.24 -19.76 13.79
CA THR B 410 23.89 -19.65 13.28
C THR B 410 23.44 -18.21 13.29
N GLU B 411 22.67 -17.82 12.28
CA GLU B 411 22.19 -16.45 12.17
C GLU B 411 21.17 -16.16 13.27
N THR B 412 21.27 -14.96 13.86
CA THR B 412 20.36 -14.56 14.92
C THR B 412 19.01 -14.18 14.35
N GLU B 413 17.97 -14.37 15.17
CA GLU B 413 16.61 -14.04 14.77
C GLU B 413 16.35 -12.57 15.04
N PRO B 414 15.90 -11.80 14.04
CA PRO B 414 15.59 -10.39 14.30
C PRO B 414 14.34 -10.25 15.15
N LEU B 415 14.09 -9.01 15.59
CA LEU B 415 12.91 -8.74 16.40
C LEU B 415 11.63 -9.03 15.63
N LEU B 416 11.59 -8.65 14.36
CA LEU B 416 10.43 -8.88 13.51
C LEU B 416 10.89 -9.16 12.09
N THR B 417 10.47 -10.30 11.55
CA THR B 417 10.69 -10.61 10.15
C THR B 417 9.58 -10.00 9.30
N TRP B 418 9.91 -9.71 8.04
CA TRP B 418 8.91 -9.10 7.17
C TRP B 418 7.76 -10.04 6.87
N LYS B 419 8.01 -11.35 6.87
CA LYS B 419 6.94 -12.31 6.60
C LYS B 419 5.83 -12.20 7.64
N LYS B 420 6.20 -12.21 8.93
CA LYS B 420 5.20 -12.11 9.98
C LYS B 420 4.47 -10.79 9.93
N ALA B 421 5.20 -9.69 9.68
CA ALA B 421 4.57 -8.38 9.58
C ALA B 421 3.55 -8.36 8.46
N GLN B 422 3.93 -8.82 7.26
CA GLN B 422 3.01 -8.84 6.13
C GLN B 422 1.80 -9.72 6.43
N GLU B 423 1.97 -10.79 7.20
CA GLU B 423 0.83 -11.60 7.60
C GLU B 423 -0.10 -10.84 8.55
N THR B 424 0.47 -10.01 9.42
CA THR B 424 -0.32 -9.40 10.50
C THR B 424 -0.64 -7.92 10.27
N VAL B 425 -0.20 -7.33 9.17
CA VAL B 425 -0.57 -5.93 8.88
C VAL B 425 -1.90 -5.88 8.14
N PRO B 426 -2.88 -5.13 8.64
CA PRO B 426 -4.16 -4.99 7.93
C PRO B 426 -4.08 -4.00 6.78
N TRP B 427 -3.64 -4.46 5.61
CA TRP B 427 -3.53 -3.59 4.44
C TRP B 427 -4.88 -3.03 4.00
N ASN B 428 -5.98 -3.69 4.39
CA ASN B 428 -7.31 -3.17 4.08
C ASN B 428 -7.52 -1.81 4.72
N ILE B 429 -7.02 -1.62 5.94
CA ILE B 429 -7.13 -0.33 6.61
C ILE B 429 -6.34 0.73 5.86
N ILE B 430 -5.17 0.38 5.35
CA ILE B 430 -4.36 1.32 4.58
C ILE B 430 -5.10 1.76 3.33
N LEU B 431 -5.70 0.80 2.62
CA LEU B 431 -6.47 1.14 1.43
C LEU B 431 -7.70 1.99 1.78
N LEU B 432 -8.32 1.69 2.92
CA LEU B 432 -9.50 2.47 3.34
C LEU B 432 -9.13 3.92 3.62
N LEU B 433 -8.03 4.14 4.34
CA LEU B 433 -7.57 5.50 4.61
C LEU B 433 -7.20 6.21 3.32
N GLY B 434 -6.59 5.48 2.37
CA GLY B 434 -6.29 6.07 1.08
C GLY B 434 -7.53 6.48 0.32
N GLY B 435 -8.57 5.64 0.35
CA GLY B 435 -9.83 6.02 -0.26
C GLY B 435 -10.41 7.28 0.36
N GLY B 436 -10.29 7.41 1.68
CA GLY B 436 -10.72 8.64 2.33
C GLY B 436 -9.96 9.86 1.85
N PHE B 437 -8.63 9.74 1.75
CA PHE B 437 -7.82 10.86 1.27
C PHE B 437 -8.19 11.23 -0.17
N ALA B 438 -8.37 10.21 -1.01
CA ALA B 438 -8.69 10.46 -2.42
C ALA B 438 -10.04 11.12 -2.57
N MET B 439 -11.07 10.63 -1.85
CA MET B 439 -12.38 11.25 -1.94
C MET B 439 -12.35 12.68 -1.38
N ALA B 440 -11.50 12.93 -0.38
CA ALA B 440 -11.35 14.30 0.11
C ALA B 440 -10.81 15.21 -0.99
N LYS B 441 -9.68 14.82 -1.61
CA LYS B 441 -9.08 15.68 -2.63
C LYS B 441 -10.04 15.88 -3.79
N GLY B 442 -10.79 14.84 -4.16
CA GLY B 442 -11.84 15.03 -5.14
C GLY B 442 -12.86 16.05 -4.70
N CYS B 443 -13.16 16.08 -3.39
CA CYS B 443 -14.16 17.02 -2.89
C CYS B 443 -13.71 18.47 -3.05
N GLU B 444 -12.49 18.80 -2.65
CA GLU B 444 -12.06 20.20 -2.84
C GLU B 444 -11.79 20.51 -4.30
N GLU B 445 -11.19 19.58 -5.05
CA GLU B 445 -10.81 19.90 -6.42
C GLU B 445 -12.01 20.14 -7.32
N SER B 446 -13.09 19.37 -7.14
CA SER B 446 -14.28 19.54 -7.96
C SER B 446 -15.09 20.77 -7.60
N GLY B 447 -14.74 21.47 -6.52
CA GLY B 447 -15.53 22.59 -6.07
C GLY B 447 -16.73 22.24 -5.23
N LEU B 448 -16.86 20.98 -4.82
CA LEU B 448 -18.00 20.59 -3.99
C LEU B 448 -17.95 21.26 -2.62
N SER B 449 -16.76 21.41 -2.04
CA SER B 449 -16.64 22.08 -0.76
C SER B 449 -17.06 23.54 -0.85
N VAL B 450 -16.64 24.23 -1.91
CA VAL B 450 -17.04 25.62 -2.10
C VAL B 450 -18.55 25.72 -2.31
N TRP B 451 -19.12 24.77 -3.06
CA TRP B 451 -20.56 24.75 -3.25
C TRP B 451 -21.30 24.55 -1.94
N ILE B 452 -20.81 23.64 -1.10
CA ILE B 452 -21.43 23.40 0.21
C ILE B 452 -21.35 24.65 1.07
N GLY B 453 -20.20 25.32 1.06
CA GLY B 453 -20.08 26.56 1.80
C GLY B 453 -21.03 27.64 1.30
N GLY B 454 -21.18 27.74 -0.02
CA GLY B 454 -22.12 28.70 -0.56
C GLY B 454 -23.56 28.40 -0.23
N GLN B 455 -23.91 27.11 -0.18
CA GLN B 455 -25.28 26.72 0.15
C GLN B 455 -25.66 27.02 1.59
N LEU B 456 -24.69 27.07 2.50
CA LEU B 456 -24.94 27.36 3.90
C LEU B 456 -25.13 28.86 4.16
N HIS B 457 -25.23 29.67 3.11
CA HIS B 457 -25.42 31.11 3.29
C HIS B 457 -26.69 31.48 4.03
N PRO B 458 -27.86 30.93 3.71
CA PRO B 458 -29.08 31.34 4.43
C PRO B 458 -29.11 30.94 5.90
N LEU B 459 -28.09 30.27 6.41
CA LEU B 459 -28.01 29.96 7.83
C LEU B 459 -27.38 31.13 8.60
N GLU B 460 -28.01 32.29 8.48
CA GLU B 460 -27.55 33.51 9.13
C GLU B 460 -28.58 34.10 10.09
N ASN B 461 -29.87 34.04 9.75
CA ASN B 461 -30.91 34.45 10.68
C ASN B 461 -31.00 33.52 11.88
N VAL B 462 -30.58 32.28 11.72
CA VAL B 462 -30.58 31.31 12.81
C VAL B 462 -29.57 31.74 13.86
N PRO B 463 -29.88 31.64 15.15
CA PRO B 463 -28.90 32.00 16.19
C PRO B 463 -27.65 31.16 16.09
N PRO B 464 -26.47 31.76 16.34
CA PRO B 464 -25.21 31.03 16.15
C PRO B 464 -25.08 29.80 17.04
N ALA B 465 -25.70 29.78 18.22
CA ALA B 465 -25.52 28.68 19.15
C ALA B 465 -26.03 27.36 18.56
N LEU B 466 -27.34 27.29 18.31
CA LEU B 466 -27.89 26.06 17.75
C LEU B 466 -27.45 25.85 16.30
N ALA B 467 -26.99 26.91 15.63
CA ALA B 467 -26.37 26.74 14.32
C ALA B 467 -25.09 25.91 14.43
N VAL B 468 -24.23 26.24 15.40
CA VAL B 468 -23.04 25.43 15.61
C VAL B 468 -23.43 24.05 16.11
N LEU B 469 -24.55 23.96 16.85
CA LEU B 469 -25.05 22.66 17.29
C LEU B 469 -25.37 21.77 16.10
N LEU B 470 -26.15 22.28 15.14
CA LEU B 470 -26.50 21.46 13.97
C LEU B 470 -25.29 21.22 13.08
N ILE B 471 -24.35 22.16 13.04
CA ILE B 471 -23.11 21.95 12.27
C ILE B 471 -22.32 20.78 12.85
N THR B 472 -22.17 20.73 14.17
CA THR B 472 -21.42 19.61 14.74
C THR B 472 -22.23 18.31 14.69
N VAL B 473 -23.56 18.40 14.66
CA VAL B 473 -24.37 17.20 14.46
C VAL B 473 -24.10 16.59 13.09
N VAL B 474 -24.15 17.41 12.04
CA VAL B 474 -23.96 16.88 10.70
C VAL B 474 -22.51 16.44 10.50
N ILE B 475 -21.55 17.11 11.13
CA ILE B 475 -20.16 16.68 11.02
C ILE B 475 -19.95 15.36 11.75
N ALA B 476 -20.54 15.21 12.95
CA ALA B 476 -20.40 13.96 13.68
C ALA B 476 -21.13 12.81 13.01
N PHE B 477 -22.18 13.11 12.25
CA PHE B 477 -22.91 12.06 11.54
C PHE B 477 -22.40 11.83 10.12
N PHE B 478 -21.49 12.66 9.62
CA PHE B 478 -20.85 12.39 8.34
C PHE B 478 -19.47 11.76 8.50
N THR B 479 -18.80 11.98 9.63
CA THR B 479 -17.53 11.31 9.88
C THR B 479 -17.70 9.81 10.07
N GLU B 480 -18.95 9.32 10.10
CA GLU B 480 -19.19 7.90 10.29
C GLU B 480 -18.95 7.10 9.02
N PHE B 481 -18.89 7.76 7.86
CA PHE B 481 -18.68 7.06 6.60
C PHE B 481 -17.21 7.04 6.20
N ALA B 482 -16.60 8.22 6.08
CA ALA B 482 -15.18 8.33 5.77
C ALA B 482 -14.37 8.38 7.05
N SER B 483 -13.05 8.48 6.90
CA SER B 483 -12.17 8.59 8.05
C SER B 483 -12.27 9.99 8.67
N ASN B 484 -11.75 10.12 9.89
CA ASN B 484 -11.73 11.42 10.55
C ASN B 484 -10.89 12.42 9.77
N THR B 485 -9.74 11.97 9.26
CA THR B 485 -8.87 12.87 8.50
C THR B 485 -9.55 13.34 7.23
N ALA B 486 -10.22 12.44 6.51
CA ALA B 486 -10.88 12.81 5.27
C ALA B 486 -11.98 13.84 5.52
N THR B 487 -12.83 13.59 6.52
CA THR B 487 -13.94 14.49 6.78
C THR B 487 -13.46 15.83 7.32
N ILE B 488 -12.39 15.85 8.12
CA ILE B 488 -11.92 17.13 8.64
C ILE B 488 -11.29 17.95 7.53
N ILE B 489 -10.56 17.31 6.61
CA ILE B 489 -10.02 18.04 5.46
C ILE B 489 -11.15 18.56 4.59
N ILE B 490 -12.19 17.75 4.39
CA ILE B 490 -13.31 18.18 3.54
C ILE B 490 -14.02 19.38 4.15
N PHE B 491 -14.30 19.34 5.45
CA PHE B 491 -15.20 20.29 6.07
C PHE B 491 -14.54 21.53 6.65
N LEU B 492 -13.25 21.46 7.00
CA LEU B 492 -12.64 22.59 7.71
C LEU B 492 -12.56 23.86 6.87
N PRO B 493 -12.12 23.84 5.61
CA PRO B 493 -12.18 25.08 4.82
C PRO B 493 -13.60 25.59 4.62
N VAL B 494 -14.58 24.70 4.55
CA VAL B 494 -15.98 25.13 4.44
C VAL B 494 -16.36 25.94 5.67
N LEU B 495 -15.99 25.45 6.86
CA LEU B 495 -16.27 26.19 8.09
C LEU B 495 -15.47 27.48 8.15
N ALA B 496 -14.26 27.49 7.60
CA ALA B 496 -13.44 28.71 7.58
C ALA B 496 -14.14 29.80 6.78
N GLU B 497 -14.67 29.45 5.61
CA GLU B 497 -15.42 30.43 4.82
C GLU B 497 -16.72 30.81 5.51
N LEU B 498 -17.42 29.83 6.10
CA LEU B 498 -18.72 30.09 6.71
C LEU B 498 -18.60 31.03 7.89
N ALA B 499 -17.57 30.84 8.73
CA ALA B 499 -17.42 31.66 9.93
C ALA B 499 -17.20 33.12 9.58
N ILE B 500 -16.36 33.40 8.58
CA ILE B 500 -16.16 34.78 8.14
C ILE B 500 -17.42 35.32 7.47
N ARG B 501 -18.12 34.49 6.70
CA ARG B 501 -19.33 34.96 6.03
C ARG B 501 -20.43 35.31 7.02
N LEU B 502 -20.45 34.66 8.17
CA LEU B 502 -21.48 34.91 9.19
C LEU B 502 -20.94 35.73 10.36
N ARG B 503 -19.87 36.50 10.15
CA ARG B 503 -19.28 37.42 11.14
C ARG B 503 -19.33 36.86 12.57
N VAL B 504 -18.95 35.59 12.70
CA VAL B 504 -18.77 34.94 13.99
C VAL B 504 -17.30 34.59 14.16
N HIS B 505 -16.93 34.24 15.39
CA HIS B 505 -15.55 33.86 15.67
C HIS B 505 -15.21 32.56 14.95
N PRO B 506 -14.13 32.53 14.17
CA PRO B 506 -13.80 31.29 13.43
C PRO B 506 -13.61 30.08 14.33
N LEU B 507 -12.93 30.24 15.47
CA LEU B 507 -12.67 29.08 16.33
C LEU B 507 -13.96 28.46 16.85
N TYR B 508 -15.00 29.28 17.04
CA TYR B 508 -16.30 28.80 17.45
C TYR B 508 -16.88 27.80 16.46
N LEU B 509 -16.41 27.80 15.22
CA LEU B 509 -16.72 26.78 14.24
C LEU B 509 -15.55 25.88 13.91
N MET B 510 -14.31 26.34 14.11
CA MET B 510 -13.15 25.49 13.85
C MET B 510 -13.13 24.27 14.76
N ILE B 511 -13.35 24.49 16.06
CA ILE B 511 -13.12 23.46 17.06
C ILE B 511 -14.23 22.40 17.05
N PRO B 512 -15.52 22.77 17.00
CA PRO B 512 -16.56 21.71 16.99
C PRO B 512 -16.39 20.70 15.87
N GLY B 513 -16.04 21.15 14.66
CA GLY B 513 -15.84 20.21 13.57
C GLY B 513 -14.67 19.29 13.80
N THR B 514 -13.54 19.84 14.27
CA THR B 514 -12.36 19.02 14.50
C THR B 514 -12.60 17.97 15.57
N VAL B 515 -13.25 18.35 16.67
CA VAL B 515 -13.50 17.39 17.74
C VAL B 515 -14.57 16.38 17.31
N GLY B 516 -15.62 16.85 16.64
CA GLY B 516 -16.72 15.97 16.27
C GLY B 516 -16.40 15.01 15.14
N CYS B 517 -15.37 15.31 14.34
CA CYS B 517 -14.97 14.37 13.30
C CYS B 517 -14.37 13.10 13.90
N SER B 518 -13.81 13.19 15.10
CA SER B 518 -13.28 12.02 15.79
C SER B 518 -14.40 11.17 16.40
N PHE B 519 -15.64 11.65 16.42
CA PHE B 519 -16.77 10.88 16.92
C PHE B 519 -17.23 9.90 15.83
N ALA B 520 -16.42 8.86 15.64
CA ALA B 520 -16.68 7.81 14.67
C ALA B 520 -17.09 6.55 15.44
N PHE B 521 -18.39 6.26 15.46
CA PHE B 521 -18.91 5.19 16.31
C PHE B 521 -19.93 4.27 15.65
N MET B 522 -20.52 4.64 14.51
CA MET B 522 -21.60 3.83 13.94
C MET B 522 -21.07 2.59 13.24
N LEU B 523 -20.24 2.78 12.22
CA LEU B 523 -19.84 1.72 11.31
C LEU B 523 -18.36 1.38 11.47
N PRO B 524 -17.94 0.19 11.03
CA PRO B 524 -16.50 -0.12 11.04
C PRO B 524 -15.67 0.82 10.18
N VAL B 525 -16.22 1.34 9.08
CA VAL B 525 -15.48 2.23 8.20
C VAL B 525 -15.36 3.63 8.77
N SER B 526 -16.08 3.92 9.86
CA SER B 526 -16.04 5.26 10.44
C SER B 526 -14.63 5.64 10.87
N THR B 527 -13.90 4.71 11.48
CA THR B 527 -12.51 4.93 11.85
C THR B 527 -11.79 3.58 11.81
N PRO B 528 -10.50 3.57 11.49
CA PRO B 528 -9.75 2.30 11.42
C PRO B 528 -9.76 1.54 12.74
N PRO B 529 -9.81 2.22 13.89
CA PRO B 529 -10.02 1.46 15.14
C PRO B 529 -11.24 0.54 15.10
N ASN B 530 -12.35 0.98 14.50
CA ASN B 530 -13.53 0.12 14.43
C ASN B 530 -13.28 -1.09 13.54
N SER B 531 -12.56 -0.91 12.44
CA SER B 531 -12.19 -2.05 11.60
C SER B 531 -11.31 -3.02 12.37
N ILE B 532 -10.40 -2.50 13.18
CA ILE B 532 -9.58 -3.35 14.05
C ILE B 532 -10.47 -4.13 15.02
N ALA B 533 -11.53 -3.47 15.51
CA ALA B 533 -12.45 -4.14 16.43
C ALA B 533 -13.16 -5.32 15.76
N PHE B 534 -13.71 -5.13 14.57
CA PHE B 534 -14.30 -6.25 13.84
C PHE B 534 -13.28 -7.22 13.27
N ALA B 535 -11.99 -6.88 13.31
CA ALA B 535 -10.99 -7.89 12.99
C ALA B 535 -11.10 -9.11 13.89
N SER B 536 -11.60 -8.94 15.12
CA SER B 536 -11.75 -10.10 16.01
C SER B 536 -12.90 -11.00 15.57
N GLY B 537 -14.04 -10.41 15.20
CA GLY B 537 -15.19 -11.17 14.77
C GLY B 537 -16.28 -11.35 15.80
N HIS B 538 -16.09 -10.85 17.03
CA HIS B 538 -17.09 -10.98 18.08
C HIS B 538 -18.05 -9.82 18.16
N LEU B 539 -17.93 -8.83 17.26
CA LEU B 539 -18.78 -7.66 17.28
C LEU B 539 -19.70 -7.66 16.05
N LEU B 540 -20.94 -7.22 16.25
CA LEU B 540 -21.91 -7.10 15.18
C LEU B 540 -22.11 -5.63 14.82
N VAL B 541 -22.55 -5.41 13.58
CA VAL B 541 -22.79 -4.05 13.11
C VAL B 541 -23.91 -3.39 13.91
N LYS B 542 -25.00 -4.14 14.16
CA LYS B 542 -26.14 -3.58 14.88
C LYS B 542 -25.74 -3.13 16.29
N ASP B 543 -24.82 -3.87 16.93
CA ASP B 543 -24.44 -3.54 18.29
C ASP B 543 -23.72 -2.20 18.37
N MET B 544 -22.70 -1.99 17.52
CA MET B 544 -22.01 -0.70 17.55
C MET B 544 -22.90 0.41 17.01
N VAL B 545 -23.85 0.09 16.12
CA VAL B 545 -24.81 1.09 15.69
C VAL B 545 -25.64 1.57 16.86
N ARG B 546 -26.18 0.62 17.64
CA ARG B 546 -26.99 0.96 18.80
C ARG B 546 -26.20 1.75 19.82
N THR B 547 -24.95 1.35 20.07
CA THR B 547 -24.13 2.07 21.04
C THR B 547 -23.73 3.44 20.53
N GLY B 548 -23.26 3.50 19.27
CA GLY B 548 -22.73 4.75 18.74
C GLY B 548 -23.78 5.82 18.52
N LEU B 549 -25.04 5.41 18.39
CA LEU B 549 -26.13 6.40 18.35
C LEU B 549 -26.05 7.32 19.57
N LEU B 550 -26.15 6.74 20.77
CA LEU B 550 -26.09 7.56 21.98
C LEU B 550 -24.70 8.13 22.21
N MET B 551 -23.65 7.42 21.78
CA MET B 551 -22.30 7.98 21.90
C MET B 551 -22.19 9.29 21.13
N ASN B 552 -22.68 9.32 19.89
CA ASN B 552 -22.67 10.55 19.09
C ASN B 552 -23.56 11.61 19.72
N LEU B 553 -24.71 11.21 20.24
CA LEU B 553 -25.62 12.17 20.87
C LEU B 553 -24.95 12.87 22.05
N MET B 554 -24.36 12.09 22.96
CA MET B 554 -23.70 12.68 24.12
C MET B 554 -22.48 13.50 23.71
N GLY B 555 -21.73 13.04 22.70
CA GLY B 555 -20.60 13.82 22.23
C GLY B 555 -21.00 15.18 21.71
N VAL B 556 -22.09 15.24 20.93
CA VAL B 556 -22.58 16.51 20.43
C VAL B 556 -23.04 17.40 21.58
N LEU B 557 -23.75 16.82 22.55
CA LEU B 557 -24.24 17.61 23.68
C LEU B 557 -23.08 18.19 24.48
N LEU B 558 -22.03 17.40 24.71
CA LEU B 558 -20.88 17.91 25.46
C LEU B 558 -20.09 18.93 24.65
N LEU B 559 -20.08 18.80 23.31
CA LEU B 559 -19.49 19.86 22.49
C LEU B 559 -20.26 21.16 22.64
N SER B 560 -21.59 21.10 22.65
CA SER B 560 -22.39 22.30 22.89
C SER B 560 -22.08 22.89 24.26
N LEU B 561 -21.97 22.04 25.27
CA LEU B 561 -21.64 22.51 26.62
C LEU B 561 -20.29 23.21 26.65
N ALA B 562 -19.28 22.60 26.00
CA ALA B 562 -17.95 23.21 25.96
C ALA B 562 -17.98 24.54 25.22
N MET B 563 -18.65 24.60 24.07
CA MET B 563 -18.78 25.85 23.32
C MET B 563 -19.54 26.92 24.09
N ASN B 564 -20.38 26.54 25.03
CA ASN B 564 -21.21 27.52 25.71
C ASN B 564 -20.64 27.98 27.05
N THR B 565 -19.81 27.17 27.71
CA THR B 565 -19.39 27.48 29.07
C THR B 565 -17.92 27.86 29.18
N TRP B 566 -16.99 27.00 28.74
CA TRP B 566 -15.58 27.24 28.99
C TRP B 566 -14.71 27.37 27.74
N ALA B 567 -15.29 27.30 26.55
CA ALA B 567 -14.53 27.64 25.34
C ALA B 567 -14.43 29.14 25.14
N GLN B 568 -15.46 29.90 25.53
CA GLN B 568 -15.48 31.33 25.29
C GLN B 568 -14.46 32.09 26.12
N THR B 569 -13.86 31.45 27.12
CA THR B 569 -12.84 32.09 27.96
C THR B 569 -11.44 31.59 27.68
N ILE B 570 -11.26 30.29 27.44
CA ILE B 570 -9.93 29.76 27.16
C ILE B 570 -9.42 30.28 25.82
N PHE B 571 -10.25 30.22 24.78
CA PHE B 571 -9.89 30.70 23.46
C PHE B 571 -10.43 32.09 23.15
N GLN B 572 -11.00 32.77 24.15
CA GLN B 572 -11.59 34.10 24.03
C GLN B 572 -12.42 34.26 22.76
N LEU B 573 -13.14 33.21 22.38
CA LEU B 573 -13.94 33.21 21.17
C LEU B 573 -15.37 33.71 21.39
N GLY B 574 -15.71 34.12 22.61
CA GLY B 574 -17.05 34.62 22.88
C GLY B 574 -17.34 36.00 22.34
N THR B 575 -16.31 36.75 21.94
CA THR B 575 -16.46 38.08 21.39
C THR B 575 -15.76 38.14 20.04
N PHE B 576 -16.46 38.66 19.04
CA PHE B 576 -15.89 38.79 17.70
C PHE B 576 -15.59 40.26 17.37
NA NA C . 15.25 -2.93 -13.15
C1 SIN D . 7.73 -4.19 -15.45
O1 SIN D . 8.54 -3.64 -16.25
O2 SIN D . 6.52 -4.38 -15.73
C2 SIN D . 8.24 -4.62 -14.08
C3 SIN D . 8.15 -3.48 -13.07
C4 SIN D . 9.24 -2.44 -13.32
O3 SIN D . 8.91 -1.34 -13.85
O4 SIN D . 10.42 -2.71 -13.00
C01 C14 E . 20.76 2.12 9.16
C02 C14 E . 20.21 2.59 7.84
C03 C14 E . 20.25 4.09 7.66
C04 C14 E . 21.62 4.71 7.73
C05 C14 E . 21.63 6.20 7.53
C06 C14 E . 23.00 6.82 7.53
C07 C14 E . 23.02 8.30 7.21
C08 C14 E . 24.40 8.89 7.08
C09 C14 E . 24.42 10.31 6.56
C10 C14 E . 25.80 10.84 6.27
C11 C14 E . 25.82 12.19 5.60
C12 C14 E . 25.27 13.32 6.44
C13 C14 E . 26.03 13.57 7.70
C14 C14 E . 25.48 14.71 8.52
C01 C14 F . 17.03 7.27 11.77
C02 C14 F . 18.23 7.74 10.98
C03 C14 F . 18.27 9.22 10.74
C04 C14 F . 19.46 9.69 9.95
C05 C14 F . 19.49 11.18 9.69
C06 C14 F . 20.68 11.65 8.90
C07 C14 F . 20.69 13.13 8.61
C08 C14 F . 21.88 13.59 7.80
C09 C14 F . 21.89 15.07 7.48
C10 C14 F . 21.90 15.96 8.71
C11 C14 F . 22.02 17.43 8.39
C12 C14 F . 20.92 17.96 7.51
C13 C14 F . 21.03 19.44 7.20
C14 C14 F . 22.31 19.81 6.50
C1 CLR G . 36.77 8.33 -3.02
C2 CLR G . 37.30 9.70 -3.42
C3 CLR G . 37.41 9.85 -4.91
C4 CLR G . 36.06 9.60 -5.55
C5 CLR G . 35.46 8.26 -5.14
C6 CLR G . 35.03 7.41 -6.06
C7 CLR G . 34.31 6.13 -5.77
C8 CLR G . 33.93 5.99 -4.30
C9 CLR G . 35.10 6.47 -3.43
C10 CLR G . 35.40 7.98 -3.65
C11 CLR G . 34.91 6.11 -1.95
C12 CLR G . 34.59 4.64 -1.71
C13 CLR G . 33.33 4.23 -2.48
C14 CLR G . 33.60 4.53 -3.97
C15 CLR G . 32.46 3.84 -4.73
C16 CLR G . 32.04 2.67 -3.80
C17 CLR G . 33.00 2.72 -2.59
C18 CLR G . 32.10 5.00 -1.96
C19 CLR G . 34.31 8.87 -3.05
C20 CLR G . 32.48 1.97 -1.35
C21 CLR G . 33.59 1.37 -0.49
C22 CLR G . 31.43 0.90 -1.72
C23 CLR G . 31.97 -0.46 -2.09
C24 CLR G . 30.91 -1.54 -2.10
C25 CLR G . 30.49 -2.08 -0.72
C26 CLR G . 29.40 -1.23 -0.09
C27 CLR G . 30.04 -3.53 -0.80
O1 CLR G . 37.88 11.16 -5.24
C1 CLR H . 32.90 9.88 -7.31
C2 CLR H . 33.41 11.31 -7.49
C3 CLR H . 34.31 11.43 -8.69
C4 CLR H . 33.57 10.98 -9.93
C5 CLR H . 33.00 9.59 -9.79
C6 CLR H . 33.26 8.64 -10.68
C7 CLR H . 32.67 7.28 -10.70
C8 CLR H . 31.52 7.13 -9.69
C9 CLR H . 31.92 7.80 -8.37
C10 CLR H . 32.15 9.34 -8.55
C11 CLR H . 30.93 7.48 -7.24
C12 CLR H . 30.66 5.98 -7.08
C13 CLR H . 30.14 5.38 -8.38
C14 CLR H . 31.21 5.66 -9.46
C15 CLR H . 30.82 4.78 -10.64
C16 CLR H . 30.07 3.58 -10.01
C17 CLR H . 30.08 3.82 -8.48
C18 CLR H . 28.77 5.99 -8.76
C19 CLR H . 30.82 10.09 -8.73
C20 CLR H . 28.97 3.04 -7.75
C21 CLR H . 29.23 2.86 -6.26
C22 CLR H . 28.67 1.70 -8.43
C23 CLR H . 29.47 0.51 -7.95
C24 CLR H . 30.86 0.42 -8.53
C25 CLR H . 31.03 -0.52 -9.73
C26 CLR H . 32.50 -0.68 -10.10
C27 CLR H . 30.23 -0.05 -10.94
O1 CLR H . 34.74 12.79 -8.84
C1 CLR I . 33.10 10.95 -14.13
C2 CLR I . 34.60 10.80 -14.33
C3 CLR I . 34.97 10.89 -15.78
C4 CLR I . 34.33 9.75 -16.54
C5 CLR I . 33.20 9.09 -15.79
C6 CLR I . 33.06 7.77 -15.81
C7 CLR I . 31.89 7.02 -15.26
C8 CLR I . 30.74 7.93 -14.82
C9 CLR I . 31.33 9.15 -14.10
C10 CLR I . 32.25 10.00 -15.02
C11 CLR I . 30.23 10.00 -13.43
C12 CLR I . 29.30 9.18 -12.53
C13 CLR I . 28.65 8.04 -13.30
C14 CLR I . 29.79 7.19 -13.90
C15 CLR I . 29.11 5.92 -14.40
C16 CLR I . 27.95 5.71 -13.42
C17 CLR I . 27.93 6.94 -12.47
C18 CLR I . 27.72 8.57 -14.39
C19 CLR I . 31.43 10.82 -16.04
C20 CLR I . 26.52 7.20 -11.87
C21 CLR I . 26.53 8.22 -10.73
C22 CLR I . 25.88 5.87 -11.42
C23 CLR I . 24.43 5.69 -11.81
C24 CLR I . 23.49 6.72 -11.24
C25 CLR I . 22.68 6.30 -10.01
C26 CLR I . 21.79 7.43 -9.51
C27 CLR I . 23.56 5.78 -8.88
O1 CLR I . 34.50 12.14 -16.31
C1 CLR J . -13.42 3.86 -32.15
C2 CLR J . -13.22 5.26 -32.74
C3 CLR J . -14.20 6.24 -32.14
C4 CLR J . -14.05 6.27 -30.64
C5 CLR J . -14.20 4.90 -30.03
C6 CLR J . -15.07 4.68 -29.06
C7 CLR J . -15.21 3.39 -28.32
C8 CLR J . -14.08 2.41 -28.60
C9 CLR J . -13.76 2.41 -30.11
C10 CLR J . -13.30 3.81 -30.61
C11 CLR J . -12.78 1.29 -30.48
C12 CLR J . -13.22 -0.09 -29.99
C13 CLR J . -13.44 -0.10 -28.47
C14 CLR J . -14.47 1.00 -28.17
C15 CLR J . -14.87 0.76 -26.71
C16 CLR J . -14.88 -0.78 -26.60
C17 CLR J . -14.18 -1.33 -27.88
C18 CLR J . -12.11 0.13 -27.73
C19 CLR J . -11.86 4.12 -30.18
C20 CLR J . -13.44 -2.65 -27.59
C21 CLR J . -12.89 -3.33 -28.84
C22 CLR J . -14.35 -3.62 -26.82
C23 CLR J . -13.87 -4.00 -25.43
C24 CLR J . -14.87 -4.86 -24.68
C25 CLR J . -14.54 -6.35 -24.59
C26 CLR J . -13.22 -6.60 -23.88
C27 CLR J . -14.53 -7.02 -25.96
O1 CLR J . -13.97 7.55 -32.69
C1 CLR K . -27.82 -17.25 -4.90
C2 CLR K . -28.95 -18.11 -4.32
C3 CLR K . -28.88 -19.54 -4.81
C4 CLR K . -28.47 -19.59 -6.28
C5 CLR K . -28.69 -18.27 -6.99
C6 CLR K . -29.52 -18.17 -8.02
C7 CLR K . -29.91 -16.88 -8.67
C8 CLR K . -29.06 -15.68 -8.26
C9 CLR K . -28.70 -15.78 -6.76
C10 CLR K . -27.92 -17.08 -6.43
C11 CLR K . -27.99 -14.51 -6.27
C12 CLR K . -28.77 -13.23 -6.60
C13 CLR K . -29.05 -13.10 -8.10
C14 CLR K . -29.79 -14.38 -8.52
C15 CLR K . -30.29 -14.07 -9.93
C16 CLR K . -30.56 -12.57 -9.92
C17 CLR K . -30.10 -12.04 -8.53
C18 CLR K . -27.73 -12.90 -8.86
C19 CLR K . -26.51 -17.07 -7.05
C20 CLR K . -29.76 -10.54 -8.55
C21 CLR K . -29.54 -9.95 -7.16
C22 CLR K . -30.86 -9.76 -9.28
C23 CLR K . -30.60 -8.28 -9.44
C24 CLR K . -31.75 -7.51 -10.08
C25 CLR K . -31.90 -7.65 -11.60
C26 CLR K . -32.69 -8.88 -12.01
C27 CLR K . -30.54 -7.64 -12.30
O1 CLR K . -27.93 -20.29 -4.04
C01 C14 L . -22.28 -20.85 -23.39
C02 C14 L . -21.38 -19.87 -22.69
C03 C14 L . -21.60 -19.82 -21.20
C04 C14 L . -20.70 -18.85 -20.46
C05 C14 L . -20.90 -18.84 -18.96
C06 C14 L . -19.97 -17.92 -18.22
C07 C14 L . -20.12 -16.46 -18.56
C08 C14 L . -19.24 -15.54 -17.74
C09 C14 L . -19.40 -14.08 -18.06
C10 C14 L . -18.52 -13.17 -17.23
C11 C14 L . -18.70 -11.70 -17.54
C12 C14 L . -17.83 -10.79 -16.69
C13 C14 L . -18.00 -9.32 -16.99
C14 C14 L . -19.41 -8.82 -16.78
C1 CLR M . -2.42 -21.23 -23.05
C2 CLR M . -2.37 -20.00 -22.14
C3 CLR M . -2.04 -18.74 -22.91
C4 CLR M . -3.07 -18.54 -24.01
C5 CLR M . -3.18 -19.75 -24.92
C6 CLR M . -3.03 -19.63 -26.23
C7 CLR M . -3.24 -20.74 -27.22
C8 CLR M . -3.87 -21.98 -26.58
C9 CLR M . -3.21 -22.26 -25.22
C10 CLR M . -3.43 -21.09 -24.23
C11 CLR M . -3.66 -23.62 -24.65
C12 CLR M . -3.49 -24.78 -25.63
C13 CLR M . -4.24 -24.52 -26.94
C14 CLR M . -3.69 -23.19 -27.50
C15 CLR M . -4.24 -23.12 -28.93
C16 CLR M . -4.25 -24.59 -29.39
C17 CLR M . -3.92 -25.46 -28.14
C18 CLR M . -5.76 -24.46 -26.70
C19 CLR M . -4.87 -21.06 -23.67
C20 CLR M . -4.53 -26.86 -28.22
C21 CLR M . -3.97 -27.83 -27.19
C22 CLR M . -4.38 -27.43 -29.65
C23 CLR M . -5.13 -28.71 -29.93
C24 CLR M . -4.24 -29.93 -29.99
C25 CLR M . -3.90 -30.44 -31.40
C26 CLR M . -3.06 -31.72 -31.33
C27 CLR M . -3.18 -29.39 -32.22
O1 CLR M . -2.05 -17.61 -22.02
NA NA N . -14.61 9.45 10.90
C1 SIN O . -7.27 8.54 13.79
O1 SIN O . -7.90 9.61 13.97
O2 SIN O . -6.10 8.37 14.21
C2 SIN O . -7.94 7.41 13.01
C3 SIN O . -7.71 7.56 11.52
C4 SIN O . -8.57 8.70 10.94
O3 SIN O . -8.01 9.78 10.63
O4 SIN O . -9.81 8.49 10.79
C01 C14 P . -20.62 -0.68 -9.71
C02 C14 P . -19.90 0.43 -8.99
C03 C14 P . -19.63 1.65 -9.86
C04 C14 P . -20.87 2.30 -10.41
C05 C14 P . -20.58 3.54 -11.25
C06 C14 P . -21.82 4.23 -11.75
C07 C14 P . -21.54 5.53 -12.48
C08 C14 P . -22.77 6.30 -12.87
C09 C14 P . -22.50 7.67 -13.42
C10 C14 P . -23.74 8.51 -13.65
C11 C14 P . -23.46 9.95 -14.04
C12 C14 P . -22.76 10.11 -15.37
C13 C14 P . -23.55 9.60 -16.55
C14 C14 P . -22.87 9.80 -17.87
C01 C14 Q . -16.19 0.66 -14.80
C02 C14 Q . -17.22 1.74 -14.60
C03 C14 Q . -16.96 2.99 -15.40
C04 C14 Q . -17.99 4.08 -15.20
C05 C14 Q . -17.72 5.34 -16.00
C06 C14 Q . -18.74 6.43 -15.79
C07 C14 Q . -18.47 7.69 -16.56
C08 C14 Q . -19.48 8.79 -16.34
C09 C14 Q . -19.20 10.06 -17.08
C10 C14 Q . -19.14 9.91 -18.58
C11 C14 Q . -18.95 11.22 -19.32
C12 C14 Q . -17.72 11.99 -18.93
C13 C14 Q . -17.53 13.29 -19.68
C14 C14 Q . -18.67 14.26 -19.49
C1 CLR R . -34.30 14.84 -5.81
C2 CLR R . -34.53 16.20 -6.47
C3 CLR R . -34.51 17.31 -5.44
C4 CLR R . -33.17 17.30 -4.72
C5 CLR R . -32.87 15.95 -4.09
C6 CLR R . -32.55 15.85 -2.82
C7 CLR R . -32.09 14.60 -2.14
C8 CLR R . -31.85 13.45 -3.11
C9 CLR R . -32.97 13.44 -4.17
C10 CLR R . -32.97 14.74 -5.02
C11 CLR R . -32.97 12.17 -5.03
C12 CLR R . -32.94 10.88 -4.20
C13 CLR R . -31.72 10.86 -3.28
C14 CLR R . -31.83 12.11 -2.38
C15 CLR R . -30.78 11.89 -1.27
C16 CLR R . -30.65 10.35 -1.17
C17 CLR R . -31.67 9.77 -2.18
C18 CLR R . -30.41 10.84 -4.09
C19 CLR R . -31.77 14.80 -5.99
C20 CLR R . -31.39 8.31 -2.57
C21 CLR R . -32.65 7.51 -2.89
C22 CLR R . -30.53 7.58 -1.52
C23 CLR R . -31.28 6.94 -0.39
C24 CLR R . -30.45 5.95 0.41
C25 CLR R . -30.22 4.57 -0.23
C26 CLR R . -29.04 4.57 -1.20
C27 CLR R . -30.05 3.49 0.82
O1 CLR R . -34.71 18.57 -6.09
C1 CLR S . -29.91 18.08 -3.35
C2 CLR S . -30.13 19.33 -4.20
C3 CLR S . -30.90 20.38 -3.44
C4 CLR S . -30.18 20.73 -2.17
C5 CLR S . -29.90 19.51 -1.32
C6 CLR S . -30.26 19.47 -0.04
C7 CLR S . -29.92 18.38 0.91
C8 CLR S . -28.90 17.40 0.34
C9 CLR S . -29.26 17.09 -1.12
C10 CLR S . -29.19 18.36 -2.02
C11 CLR S . -28.43 15.92 -1.69
C12 CLR S . -28.45 14.67 -0.80
C13 CLR S . -27.96 15.00 0.62
C14 CLR S . -28.88 16.11 1.16
C15 CLR S . -28.58 16.17 2.65
C16 CLR S . -28.12 14.76 3.02
C17 CLR S . -28.18 13.92 1.71
C18 CLR S . -26.49 15.43 0.58
C19 CLR S . -27.73 18.78 -2.29
C20 CLR S . -27.29 12.66 1.75
C21 CLR S . -27.69 11.60 0.75
C22 CLR S . -27.20 12.08 3.17
C23 CLR S . -28.24 11.03 3.54
C24 CLR S . -29.58 11.61 3.94
C25 CLR S . -29.84 11.75 5.44
C26 CLR S . -31.27 12.15 5.72
C27 CLR S . -28.88 12.74 6.09
O1 CLR S . -31.07 21.55 -4.26
C1 CLR T . -29.42 23.40 1.03
C2 CLR T . -30.92 23.68 1.17
C3 CLR T . -31.15 24.79 2.17
C4 CLR T . -30.68 24.34 3.55
C5 CLR T . -29.74 23.15 3.50
C6 CLR T . -29.85 22.18 4.39
C7 CLR T . -28.88 21.05 4.56
C8 CLR T . -27.63 21.22 3.71
C9 CLR T . -28.02 21.73 2.31
C10 CLR T . -28.71 23.13 2.38
C11 CLR T . -26.84 21.71 1.34
C12 CLR T . -26.15 20.34 1.27
C13 CLR T . -25.66 19.90 2.64
C14 CLR T . -26.90 19.88 3.56
C15 CLR T . -26.43 19.17 4.83
C16 CLR T . -25.39 18.14 4.32
C17 CLR T . -25.21 18.42 2.79
C18 CLR T . -24.57 20.84 3.17
C19 CLR T . -27.69 24.25 2.66
C20 CLR T . -23.84 17.95 2.28
C21 CLR T . -23.74 17.95 0.75
C22 CLR T . -23.48 16.58 2.85
C23 CLR T . -22.06 16.43 3.38
C24 CLR T . -20.99 16.63 2.32
C25 CLR T . -20.36 15.36 1.74
C26 CLR T . -19.31 15.69 0.69
C27 CLR T . -21.41 14.40 1.19
O1 CLR T . -30.43 25.95 1.77
C1 CLR U . 16.12 21.51 22.47
C2 CLR U . 16.23 22.95 21.97
C3 CLR U . 17.33 23.10 20.95
C4 CLR U . 17.09 22.15 19.80
C5 CLR U . 16.94 20.72 20.26
C6 CLR U . 17.69 19.76 19.74
C7 CLR U . 17.52 18.30 20.04
C8 CLR U . 16.26 17.99 20.82
C9 CLR U . 16.06 19.04 21.92
C10 CLR U . 15.90 20.47 21.34
C11 CLR U . 14.91 18.66 22.87
C12 CLR U . 15.05 17.24 23.44
C13 CLR U . 15.16 16.19 22.33
C14 CLR U . 16.36 16.60 21.45
C15 CLR U . 16.59 15.40 20.56
C16 CLR U . 16.31 14.20 21.48
C17 CLR U . 15.62 14.76 22.74
C18 CLR U . 13.85 16.12 21.53
C19 CLR U . 14.50 20.68 20.72
C20 CLR U . 14.62 13.74 23.36
C21 CLR U . 14.04 14.19 24.70
C22 CLR U . 15.28 12.37 23.48
C23 CLR U . 14.64 11.27 22.67
C24 CLR U . 15.41 9.96 22.73
C25 CLR U . 14.81 8.88 23.63
C26 CLR U . 13.42 8.47 23.16
C27 CLR U . 14.77 9.30 25.10
O1 CLR U . 17.38 24.45 20.48
C1 CLR V . 24.42 -14.52 17.02
C2 CLR V . 25.32 -15.73 17.24
C3 CLR V . 25.02 -16.44 18.54
C4 CLR V . 24.73 -15.43 19.63
C5 CLR V . 25.24 -14.04 19.31
C6 CLR V . 26.13 -13.44 20.07
C7 CLR V . 26.81 -12.15 19.74
C8 CLR V . 26.16 -11.39 18.59
C9 CLR V . 25.68 -12.38 17.51
C10 CLR V . 24.65 -13.40 18.06
C11 CLR V . 25.19 -11.65 16.24
C12 CLR V . 26.22 -10.65 15.70
C13 CLR V . 26.61 -9.61 16.75
C14 CLR V . 27.14 -10.40 17.97
C15 CLR V . 27.77 -9.34 18.86
C16 CLR V . 28.32 -8.30 17.88
C17 CLR V . 27.88 -8.74 16.45
C18 CLR V . 25.43 -8.71 17.12
C19 CLR V . 23.32 -12.72 18.41
C20 CLR V . 27.82 -7.57 15.46
C21 CLR V . 27.61 -8.02 14.01
C22 CLR V . 29.10 -6.73 15.57
C23 CLR V . 29.13 -5.49 14.69
C24 CLR V . 30.43 -4.73 14.75
C25 CLR V . 30.66 -3.84 15.99
C26 CLR V . 31.24 -4.62 17.16
C27 CLR V . 29.39 -3.13 16.40
O1 CLR V . 23.90 -17.31 18.38
C01 C14 W . 19.63 -3.91 32.84
C02 C14 W . 18.88 -3.49 31.60
C03 C14 W . 19.00 -4.48 30.46
C04 C14 W . 18.24 -4.10 29.21
C05 C14 W . 18.34 -5.11 28.10
C06 C14 W . 17.53 -4.77 26.87
C07 C14 W . 17.98 -3.50 26.17
C08 C14 W . 17.22 -3.21 24.90
C09 C14 W . 17.67 -1.96 24.19
C10 C14 W . 16.93 -1.69 22.89
C11 C14 W . 17.39 -0.45 22.17
C12 C14 W . 16.66 -0.18 20.88
C13 C14 W . 17.11 1.06 20.15
C14 C14 W . 18.57 1.03 19.75
C1 CLR X . 0.07 -0.74 31.43
C2 CLR X . 0.18 -0.44 29.93
C3 CLR X . 0.15 1.04 29.66
C4 CLR X . 1.26 1.73 30.42
C5 CLR X . 1.21 1.43 31.90
C6 CLR X . 1.19 2.40 32.80
C7 CLR X . 1.25 2.21 34.28
C8 CLR X . 1.60 0.78 34.68
C9 CLR X . 0.81 -0.21 33.79
C10 CLR X . 1.16 -0.05 32.28
C11 CLR X . 0.95 -1.65 34.29
C12 CLR X . 0.63 -1.82 35.77
C13 CLR X . 1.51 -0.91 36.64
C14 CLR X . 1.27 0.52 36.14
C15 CLR X . 1.91 1.41 37.21
C16 CLR X . 1.68 0.64 38.52
C17 CLR X . 1.11 -0.75 38.13
C18 CLR X . 2.99 -1.32 36.53
C19 CLR X . 2.54 -0.67 31.95
C20 CLR X . 1.46 -1.83 39.17
C21 CLR X . 0.66 -3.11 39.00
C22 CLR X . 1.31 -1.28 40.59
C23 CLR X . 1.83 -2.16 41.70
C24 CLR X . 0.74 -2.84 42.50
C25 CLR X . 0.39 -2.23 43.86
C26 CLR X . -0.66 -3.04 44.59
C27 CLR X . -0.06 -0.78 43.73
O1 CLR X . 0.29 1.28 28.26
#